data_1XCU
# 
_entry.id   1XCU 
# 
_audit_conform.dict_name       mmcif_pdbx.dic 
_audit_conform.dict_version    5.386 
_audit_conform.dict_location   http://mmcif.pdb.org/dictionaries/ascii/mmcif_pdbx.dic 
# 
loop_
_database_2.database_id 
_database_2.database_code 
_database_2.pdbx_database_accession 
_database_2.pdbx_DOI 
PDB   1XCU         pdb_00001xcu 10.2210/pdb1xcu/pdb 
NDB   DD0065       ?            ?                   
RCSB  RCSB030214   ?            ?                   
WWPDB D_1000030214 ?            ?                   
# 
loop_
_pdbx_audit_revision_history.ordinal 
_pdbx_audit_revision_history.data_content_type 
_pdbx_audit_revision_history.major_revision 
_pdbx_audit_revision_history.minor_revision 
_pdbx_audit_revision_history.revision_date 
1 'Structure model' 1 0 2005-07-19 
2 'Structure model' 1 1 2008-04-30 
3 'Structure model' 1 2 2011-07-13 
4 'Structure model' 1 3 2024-02-14 
# 
_pdbx_audit_revision_details.ordinal             1 
_pdbx_audit_revision_details.revision_ordinal    1 
_pdbx_audit_revision_details.data_content_type   'Structure model' 
_pdbx_audit_revision_details.provider            repository 
_pdbx_audit_revision_details.type                'Initial release' 
_pdbx_audit_revision_details.description         ? 
_pdbx_audit_revision_details.details             ? 
# 
loop_
_pdbx_audit_revision_group.ordinal 
_pdbx_audit_revision_group.revision_ordinal 
_pdbx_audit_revision_group.data_content_type 
_pdbx_audit_revision_group.group 
1 2 'Structure model' 'Version format compliance' 
2 3 'Structure model' 'Version format compliance' 
3 4 'Structure model' 'Data collection'           
4 4 'Structure model' 'Database references'       
5 4 'Structure model' 'Derived calculations'      
# 
loop_
_pdbx_audit_revision_category.ordinal 
_pdbx_audit_revision_category.revision_ordinal 
_pdbx_audit_revision_category.data_content_type 
_pdbx_audit_revision_category.category 
1 4 'Structure model' chem_comp_atom               
2 4 'Structure model' chem_comp_bond               
3 4 'Structure model' database_2                   
4 4 'Structure model' pdbx_struct_conn_angle       
5 4 'Structure model' pdbx_struct_special_symmetry 
6 4 'Structure model' struct_conn                  
7 4 'Structure model' struct_site                  
# 
loop_
_pdbx_audit_revision_item.ordinal 
_pdbx_audit_revision_item.revision_ordinal 
_pdbx_audit_revision_item.data_content_type 
_pdbx_audit_revision_item.item 
1  4 'Structure model' '_database_2.pdbx_DOI'                        
2  4 'Structure model' '_database_2.pdbx_database_accession'         
3  4 'Structure model' '_pdbx_struct_conn_angle.ptnr1_auth_comp_id'  
4  4 'Structure model' '_pdbx_struct_conn_angle.ptnr1_auth_seq_id'   
5  4 'Structure model' '_pdbx_struct_conn_angle.ptnr1_label_asym_id' 
6  4 'Structure model' '_pdbx_struct_conn_angle.ptnr1_label_atom_id' 
7  4 'Structure model' '_pdbx_struct_conn_angle.ptnr1_label_comp_id' 
8  4 'Structure model' '_pdbx_struct_conn_angle.ptnr1_label_seq_id'  
9  4 'Structure model' '_pdbx_struct_conn_angle.ptnr1_symmetry'      
10 4 'Structure model' '_pdbx_struct_conn_angle.ptnr3_auth_comp_id'  
11 4 'Structure model' '_pdbx_struct_conn_angle.ptnr3_auth_seq_id'   
12 4 'Structure model' '_pdbx_struct_conn_angle.ptnr3_label_asym_id' 
13 4 'Structure model' '_pdbx_struct_conn_angle.ptnr3_label_atom_id' 
14 4 'Structure model' '_pdbx_struct_conn_angle.ptnr3_label_comp_id' 
15 4 'Structure model' '_pdbx_struct_conn_angle.ptnr3_label_seq_id'  
16 4 'Structure model' '_pdbx_struct_conn_angle.ptnr3_symmetry'      
17 4 'Structure model' '_pdbx_struct_conn_angle.value'               
18 4 'Structure model' '_struct_conn.pdbx_dist_value'                
19 4 'Structure model' '_struct_conn.ptnr1_auth_asym_id'             
20 4 'Structure model' '_struct_conn.ptnr1_auth_comp_id'             
21 4 'Structure model' '_struct_conn.ptnr1_auth_seq_id'              
22 4 'Structure model' '_struct_conn.ptnr1_label_asym_id'            
23 4 'Structure model' '_struct_conn.ptnr1_label_atom_id'            
24 4 'Structure model' '_struct_conn.ptnr1_label_comp_id'            
25 4 'Structure model' '_struct_conn.ptnr1_label_seq_id'             
26 4 'Structure model' '_struct_conn.ptnr1_symmetry'                 
27 4 'Structure model' '_struct_conn.ptnr2_auth_asym_id'             
28 4 'Structure model' '_struct_conn.ptnr2_auth_comp_id'             
29 4 'Structure model' '_struct_conn.ptnr2_auth_seq_id'              
30 4 'Structure model' '_struct_conn.ptnr2_label_asym_id'            
31 4 'Structure model' '_struct_conn.ptnr2_label_atom_id'            
32 4 'Structure model' '_struct_conn.ptnr2_label_comp_id'            
33 4 'Structure model' '_struct_conn.ptnr2_label_seq_id'             
34 4 'Structure model' '_struct_conn.ptnr2_symmetry'                 
35 4 'Structure model' '_struct_site.pdbx_auth_asym_id'              
36 4 'Structure model' '_struct_site.pdbx_auth_comp_id'              
37 4 'Structure model' '_struct_site.pdbx_auth_seq_id'               
# 
_pdbx_database_status.status_code                     REL 
_pdbx_database_status.entry_id                        1XCU 
_pdbx_database_status.recvd_initial_deposition_date   2004-09-03 
_pdbx_database_status.deposit_site                    RCSB 
_pdbx_database_status.process_site                    RCSB 
_pdbx_database_status.status_code_sf                  REL 
_pdbx_database_status.status_code_mr                  ? 
_pdbx_database_status.SG_entry                        ? 
_pdbx_database_status.pdb_format_compatible           Y 
_pdbx_database_status.status_code_cs                  ? 
_pdbx_database_status.status_code_nmr_data            ? 
_pdbx_database_status.methods_development_category    ? 
# 
loop_
_audit_author.name 
_audit_author.pdbx_ordinal 
'Valls, N.'       1 
'Steiner, R.A.'   2 
'Wright, G.'      3 
'Murshudov, G.N.' 4 
'Subirana, J.A.'  5 
# 
_citation.id                        primary 
_citation.title                     'Variable role of ions in two drug intercalation complexes of DNA' 
_citation.journal_abbrev            J.Biol.Inorg.Chem. 
_citation.journal_volume            10 
_citation.page_first                476 
_citation.page_last                 482 
_citation.year                      2005 
_citation.journal_id_ASTM           JJBCFA 
_citation.country                   GW 
_citation.journal_id_ISSN           0949-8257 
_citation.journal_id_CSD            2154 
_citation.book_publisher            ? 
_citation.pdbx_database_id_PubMed   15926069 
_citation.pdbx_database_id_DOI      10.1007/s00775-005-0655-3 
# 
loop_
_citation_author.citation_id 
_citation_author.name 
_citation_author.ordinal 
_citation_author.identifier_ORCID 
primary 'Valls, N.'       1 ? 
primary 'Steiner, R.A.'   2 ? 
primary 'Wright, G.'      3 ? 
primary 'Murshudov, G.N.' 4 ? 
primary 'Subirana, J.A.'  5 ? 
# 
loop_
_entity.id 
_entity.type 
_entity.src_method 
_entity.pdbx_description 
_entity.formula_weight 
_entity.pdbx_number_of_molecules 
_entity.pdbx_ec 
_entity.pdbx_mutation 
_entity.pdbx_fragment 
_entity.details 
1 polymer     syn "5'-D(*CP*GP*TP*AP*CP*G)-3'"                                 1809.217 2  ? ? ? ? 
2 non-polymer syn 'COBALT (II) ION'                                            58.933   3  ? ? ? ? 
3 non-polymer syn '1,5-BIS[3-(DIETHYLAMINO)PROPIONAMIDO]ANTHRACENE-9,10-DIONE' 492.610  2  ? ? ? ? 
4 non-polymer syn 'BARIUM ION'                                                 137.327  1  ? ? ? ? 
5 non-polymer syn 'SODIUM ION'                                                 22.990   1  ? ? ? ? 
6 water       nat water                                                        18.015   27 ? ? ? ? 
# 
_entity_poly.entity_id                      1 
_entity_poly.type                           polydeoxyribonucleotide 
_entity_poly.nstd_linkage                   no 
_entity_poly.nstd_monomer                   no 
_entity_poly.pdbx_seq_one_letter_code       '(DC)(DG)(DT)(DA)(DC)(DG)' 
_entity_poly.pdbx_seq_one_letter_code_can   CGTACG 
_entity_poly.pdbx_strand_id                 A,B 
_entity_poly.pdbx_target_identifier         ? 
# 
loop_
_pdbx_entity_nonpoly.entity_id 
_pdbx_entity_nonpoly.name 
_pdbx_entity_nonpoly.comp_id 
2 'COBALT (II) ION'                                            CO  
3 '1,5-BIS[3-(DIETHYLAMINO)PROPIONAMIDO]ANTHRACENE-9,10-DIONE' AN9 
4 'BARIUM ION'                                                 BA  
5 'SODIUM ION'                                                 NA  
6 water                                                        HOH 
# 
loop_
_entity_poly_seq.entity_id 
_entity_poly_seq.num 
_entity_poly_seq.mon_id 
_entity_poly_seq.hetero 
1 1 DC n 
1 2 DG n 
1 3 DT n 
1 4 DA n 
1 5 DC n 
1 6 DG n 
# 
loop_
_chem_comp.id 
_chem_comp.type 
_chem_comp.mon_nstd_flag 
_chem_comp.name 
_chem_comp.pdbx_synonyms 
_chem_comp.formula 
_chem_comp.formula_weight 
AN9 non-polymer   . '1,5-BIS[3-(DIETHYLAMINO)PROPIONAMIDO]ANTHRACENE-9,10-DIONE' ? 'C28 H36 N4 O4'   492.610 
BA  non-polymer   . 'BARIUM ION'                                                 ? 'Ba 2'            137.327 
CO  non-polymer   . 'COBALT (II) ION'                                            ? 'Co 2'            58.933  
DA  'DNA linking' y "2'-DEOXYADENOSINE-5'-MONOPHOSPHATE"                         ? 'C10 H14 N5 O6 P' 331.222 
DC  'DNA linking' y "2'-DEOXYCYTIDINE-5'-MONOPHOSPHATE"                          ? 'C9 H14 N3 O7 P'  307.197 
DG  'DNA linking' y "2'-DEOXYGUANOSINE-5'-MONOPHOSPHATE"                         ? 'C10 H14 N5 O7 P' 347.221 
DT  'DNA linking' y "THYMIDINE-5'-MONOPHOSPHATE"                                 ? 'C10 H15 N2 O8 P' 322.208 
HOH non-polymer   . WATER                                                        ? 'H2 O'            18.015  
NA  non-polymer   . 'SODIUM ION'                                                 ? 'Na 1'            22.990  
# 
loop_
_pdbx_poly_seq_scheme.asym_id 
_pdbx_poly_seq_scheme.entity_id 
_pdbx_poly_seq_scheme.seq_id 
_pdbx_poly_seq_scheme.mon_id 
_pdbx_poly_seq_scheme.ndb_seq_num 
_pdbx_poly_seq_scheme.pdb_seq_num 
_pdbx_poly_seq_scheme.auth_seq_num 
_pdbx_poly_seq_scheme.pdb_mon_id 
_pdbx_poly_seq_scheme.auth_mon_id 
_pdbx_poly_seq_scheme.pdb_strand_id 
_pdbx_poly_seq_scheme.pdb_ins_code 
_pdbx_poly_seq_scheme.hetero 
A 1 1 DC 1 1  1  DC C A . n 
A 1 2 DG 2 2  2  DG G A . n 
A 1 3 DT 3 3  3  DT T A . n 
A 1 4 DA 4 4  4  DA A A . n 
A 1 5 DC 5 5  5  DC C A . n 
A 1 6 DG 6 6  6  DG G A . n 
B 1 1 DC 1 7  7  DC C B . n 
B 1 2 DG 2 8  8  DG G B . n 
B 1 3 DT 3 9  9  DT T B . n 
B 1 4 DA 4 10 10 DA A B . n 
B 1 5 DC 5 11 11 DC C B . n 
B 1 6 DG 6 12 12 DG G B . n 
# 
loop_
_pdbx_nonpoly_scheme.asym_id 
_pdbx_nonpoly_scheme.entity_id 
_pdbx_nonpoly_scheme.mon_id 
_pdbx_nonpoly_scheme.ndb_seq_num 
_pdbx_nonpoly_scheme.pdb_seq_num 
_pdbx_nonpoly_scheme.auth_seq_num 
_pdbx_nonpoly_scheme.pdb_mon_id 
_pdbx_nonpoly_scheme.auth_mon_id 
_pdbx_nonpoly_scheme.pdb_strand_id 
_pdbx_nonpoly_scheme.pdb_ins_code 
C 2 CO  1  33 15 CO  CO  A . 
D 2 CO  1  35 17 CO  CO  A . 
E 3 AN9 1  41 1  AN9 AN4 A . 
F 2 CO  1  32 13 CO  CO  B . 
G 4 BA  1  34 16 BA  BA  B . 
H 5 NA  1  36 28 NA  NA  B . 
I 3 AN9 1  42 2  AN9 AN4 B . 
J 6 HOH 1  42 5  HOH HOH A . 
J 6 HOH 2  43 9  HOH HOH A . 
J 6 HOH 3  44 14 HOH HOH A . 
J 6 HOH 4  45 16 HOH HOH A . 
J 6 HOH 5  46 18 HOH HOH A . 
J 6 HOH 6  47 19 HOH HOH A . 
J 6 HOH 7  48 24 HOH HOH A . 
J 6 HOH 8  49 25 HOH HOH A . 
J 6 HOH 9  50 26 HOH HOH A . 
J 6 HOH 10 51 29 HOH HOH A . 
J 6 HOH 11 52 30 HOH HOH A . 
J 6 HOH 12 53 31 HOH HOH A . 
K 6 HOH 1  43 2  HOH HOH B . 
K 6 HOH 2  44 3  HOH HOH B . 
K 6 HOH 3  45 4  HOH HOH B . 
K 6 HOH 4  46 7  HOH HOH B . 
K 6 HOH 5  47 8  HOH HOH B . 
K 6 HOH 6  48 10 HOH HOH B . 
K 6 HOH 7  49 11 HOH HOH B . 
K 6 HOH 8  50 12 HOH HOH B . 
K 6 HOH 9  51 15 HOH HOH B . 
K 6 HOH 10 52 17 HOH HOH B . 
K 6 HOH 11 53 20 HOH HOH B . 
K 6 HOH 12 54 21 HOH HOH B . 
K 6 HOH 13 55 22 HOH HOH B . 
K 6 HOH 14 56 23 HOH HOH B . 
K 6 HOH 15 57 27 HOH HOH B . 
# 
loop_
_pdbx_unobs_or_zero_occ_atoms.id 
_pdbx_unobs_or_zero_occ_atoms.PDB_model_num 
_pdbx_unobs_or_zero_occ_atoms.polymer_flag 
_pdbx_unobs_or_zero_occ_atoms.occupancy_flag 
_pdbx_unobs_or_zero_occ_atoms.auth_asym_id 
_pdbx_unobs_or_zero_occ_atoms.auth_comp_id 
_pdbx_unobs_or_zero_occ_atoms.auth_seq_id 
_pdbx_unobs_or_zero_occ_atoms.PDB_ins_code 
_pdbx_unobs_or_zero_occ_atoms.auth_atom_id 
_pdbx_unobs_or_zero_occ_atoms.label_alt_id 
_pdbx_unobs_or_zero_occ_atoms.label_asym_id 
_pdbx_unobs_or_zero_occ_atoms.label_comp_id 
_pdbx_unobs_or_zero_occ_atoms.label_seq_id 
_pdbx_unobs_or_zero_occ_atoms.label_atom_id 
1  1 Y 1 A DC  1  ? "O5'" ? A DC  1 "O5'" 
2  1 Y 1 A DC  1  ? "C5'" ? A DC  1 "C5'" 
3  1 Y 1 A DC  1  ? "C4'" ? A DC  1 "C4'" 
4  1 Y 1 A DC  1  ? "O4'" ? A DC  1 "O4'" 
5  1 Y 1 A DC  1  ? "C3'" ? A DC  1 "C3'" 
6  1 Y 1 A DC  1  ? "C2'" ? A DC  1 "C2'" 
7  1 Y 1 A DC  1  ? "C1'" ? A DC  1 "C1'" 
8  1 Y 1 A DC  1  ? N1    ? A DC  1 N1    
9  1 Y 1 A DC  1  ? C2    ? A DC  1 C2    
10 1 Y 1 A DC  1  ? O2    ? A DC  1 O2    
11 1 Y 1 A DC  1  ? N3    ? A DC  1 N3    
12 1 Y 1 A DC  1  ? C4    ? A DC  1 C4    
13 1 Y 1 A DC  1  ? N4    ? A DC  1 N4    
14 1 Y 1 A DC  1  ? C5    ? A DC  1 C5    
15 1 Y 1 A DC  1  ? C6    ? A DC  1 C6    
16 1 N 1 A AN9 41 ? C5    ? E AN9 1 C5    
17 1 N 1 A AN9 41 ? O1    ? E AN9 1 O1    
18 1 N 1 A AN9 41 ? C15   ? E AN9 1 C15   
19 1 N 1 A AN9 41 ? C16   ? E AN9 1 C16   
20 1 N 1 A AN9 41 ? N1    ? E AN9 1 N1    
21 1 N 1 A AN9 41 ? C17   ? E AN9 1 C17   
22 1 N 1 A AN9 41 ? C19   ? E AN9 1 C19   
23 1 N 1 A AN9 41 ? C21   ? E AN9 1 C21   
24 1 N 1 A AN9 41 ? C22   ? E AN9 1 C22   
25 1 N 1 A AN9 41 ? C23   ? E AN9 1 C23   
26 1 N 1 A AN9 41 ? N2    ? E AN9 1 N2    
27 1 N 1 A AN9 41 ? C24   ? E AN9 1 C24   
28 1 N 1 A AN9 41 ? C25   ? E AN9 1 C25   
29 1 N 1 A AN9 41 ? C26   ? E AN9 1 C26   
30 1 N 1 A AN9 41 ? C27   ? E AN9 1 C27   
31 1 N 1 B AN9 42 ? C5    ? I AN9 1 C5    
32 1 N 1 B AN9 42 ? O1    ? I AN9 1 O1    
33 1 N 1 B AN9 42 ? C15   ? I AN9 1 C15   
34 1 N 1 B AN9 42 ? C16   ? I AN9 1 C16   
35 1 N 1 B AN9 42 ? N1    ? I AN9 1 N1    
36 1 N 1 B AN9 42 ? C17   ? I AN9 1 C17   
37 1 N 1 B AN9 42 ? C19   ? I AN9 1 C19   
38 1 N 1 B AN9 42 ? C21   ? I AN9 1 C21   
39 1 N 1 B AN9 42 ? C22   ? I AN9 1 C22   
40 1 N 1 B AN9 42 ? C23   ? I AN9 1 C23   
41 1 N 1 B AN9 42 ? N2    ? I AN9 1 N2    
42 1 N 1 B AN9 42 ? C24   ? I AN9 1 C24   
43 1 N 1 B AN9 42 ? C25   ? I AN9 1 C25   
44 1 N 1 B AN9 42 ? C26   ? I AN9 1 C26   
45 1 N 1 B AN9 42 ? C27   ? I AN9 1 C27   
# 
loop_
_software.name 
_software.classification 
_software.version 
_software.citation_id 
_software.pdbx_ordinal 
REFMAC    refinement       5.1.24 ? 1 
DENZO     'data reduction' .      ? 2 
SCALEPACK 'data scaling'   .      ? 3 
# 
_cell.entry_id           1XCU 
_cell.length_a           29.056 
_cell.length_b           52.856 
_cell.length_c           40.084 
_cell.angle_alpha        90.00 
_cell.angle_beta         90.00 
_cell.angle_gamma        90.00 
_cell.Z_PDB              16 
_cell.pdbx_unique_axis   ? 
# 
_symmetry.entry_id                         1XCU 
_symmetry.space_group_name_H-M             'C 2 2 2' 
_symmetry.pdbx_full_space_group_name_H-M   ? 
_symmetry.cell_setting                     ? 
_symmetry.Int_Tables_number                21 
_symmetry.space_group_name_Hall            ? 
# 
_exptl.entry_id          1XCU 
_exptl.method            'X-RAY DIFFRACTION' 
_exptl.crystals_number   1 
# 
_exptl_crystal.id                    1 
_exptl_crystal.density_meas          ? 
_exptl_crystal.density_Matthews      2.13 
_exptl_crystal.density_percent_sol   42.16 
_exptl_crystal.description           ? 
_exptl_crystal.F_000                 ? 
_exptl_crystal.preparation           ? 
# 
_exptl_crystal_grow.crystal_id      1 
_exptl_crystal_grow.method          'VAPOR DIFFUSION, HANGING DROP' 
_exptl_crystal_grow.temp            293 
_exptl_crystal_grow.temp_details    ? 
_exptl_crystal_grow.pH              6.5 
_exptl_crystal_grow.pdbx_details    
'drug, barium chloride, cobalt chloride, MPD, pH 6.5, VAPOR DIFFUSION, HANGING DROP, temperature 293K' 
_exptl_crystal_grow.pdbx_pH_range   . 
# 
loop_
_exptl_crystal_grow_comp.crystal_id 
_exptl_crystal_grow_comp.id 
_exptl_crystal_grow_comp.sol_id 
_exptl_crystal_grow_comp.name 
_exptl_crystal_grow_comp.volume 
_exptl_crystal_grow_comp.conc 
_exptl_crystal_grow_comp.details 
1 1 1 drug               ? ? ? 
1 2 1 'barium chloride'  ? ? ? 
1 3 1 'cobalt choloride' ? ? ? 
1 4 1 MPD                ? ? ? 
1 5 2 drug               ? ? ? 
1 6 2 'barium chloride'  ? ? ? 
1 7 2 'cobalt choloride' ? ? ? 
1 8 2 MPD                ? ? ? 
# 
_diffrn.id                     1 
_diffrn.ambient_temp           120 
_diffrn.ambient_temp_details   ? 
_diffrn.crystal_id             1 
# 
_diffrn_detector.diffrn_id              1 
_diffrn_detector.detector               CCD 
_diffrn_detector.type                   MARRESEARCH 
_diffrn_detector.pdbx_collection_date   ? 
_diffrn_detector.details                ? 
# 
_diffrn_radiation.diffrn_id                        1 
_diffrn_radiation.wavelength_id                    1 
_diffrn_radiation.pdbx_monochromatic_or_laue_m_l   M 
_diffrn_radiation.monochromator                    ? 
_diffrn_radiation.pdbx_diffrn_protocol             'SINGLE WAVELENGTH' 
_diffrn_radiation.pdbx_scattering_type             x-ray 
# 
_diffrn_radiation_wavelength.id           1 
_diffrn_radiation_wavelength.wavelength   0.79986 
_diffrn_radiation_wavelength.wt           1.0 
# 
_diffrn_source.diffrn_id                   1 
_diffrn_source.source                      SYNCHROTRON 
_diffrn_source.type                        'ESRF BEAMLINE BM14' 
_diffrn_source.pdbx_synchrotron_site       ESRF 
_diffrn_source.pdbx_synchrotron_beamline   BM14 
_diffrn_source.pdbx_wavelength             ? 
_diffrn_source.pdbx_wavelength_list        0.79986 
# 
_reflns.entry_id                     1XCU 
_reflns.observed_criterion_sigma_F   ? 
_reflns.observed_criterion_sigma_I   ? 
_reflns.d_resolution_high            2.0 
_reflns.d_resolution_low             25 
_reflns.number_all                   ? 
_reflns.number_obs                   2190 
_reflns.percent_possible_obs         ? 
_reflns.pdbx_Rmerge_I_obs            0.035 
_reflns.pdbx_Rsym_value              ? 
_reflns.pdbx_netI_over_sigmaI        ? 
_reflns.B_iso_Wilson_estimate        ? 
_reflns.pdbx_redundancy              16.4 
_reflns.R_free_details               ? 
_reflns.pdbx_chi_squared             ? 
_reflns.pdbx_scaling_rejects         ? 
_reflns.pdbx_diffrn_id               1 
_reflns.pdbx_ordinal                 1 
# 
_reflns_shell.d_res_high             2.0 
_reflns_shell.d_res_low              2.07 
_reflns_shell.percent_possible_all   ? 
_reflns_shell.Rmerge_I_obs           0.101 
_reflns_shell.pdbx_Rsym_value        ? 
_reflns_shell.meanI_over_sigI_obs    ? 
_reflns_shell.pdbx_redundancy        ? 
_reflns_shell.percent_possible_obs   ? 
_reflns_shell.number_unique_all      ? 
_reflns_shell.number_measured_all    ? 
_reflns_shell.number_measured_obs    ? 
_reflns_shell.number_unique_obs      ? 
_reflns_shell.pdbx_chi_squared       ? 
_reflns_shell.pdbx_diffrn_id         ? 
_reflns_shell.pdbx_ordinal           1 
# 
_refine.entry_id                                 1XCU 
_refine.ls_number_reflns_obs                     1984 
_refine.ls_number_reflns_all                     ? 
_refine.pdbx_ls_sigma_I                          ? 
_refine.pdbx_ls_sigma_F                          ? 
_refine.pdbx_data_cutoff_high_absF               ? 
_refine.pdbx_data_cutoff_low_absF                ? 
_refine.pdbx_data_cutoff_high_rms_absF           ? 
_refine.ls_d_res_low                             25 
_refine.ls_d_res_high                            2.00 
_refine.ls_percent_reflns_obs                    96.18 
_refine.ls_R_factor_obs                          0.21683 
_refine.ls_R_factor_all                          0.2168 
_refine.ls_R_factor_R_work                       0.21299 
_refine.ls_R_factor_R_free                       0.25162 
_refine.ls_R_factor_R_free_error                 ? 
_refine.ls_R_factor_R_free_error_details         ? 
_refine.ls_percent_reflns_R_free                 9.4 
_refine.ls_number_reflns_R_free                  205 
_refine.ls_number_parameters                     ? 
_refine.ls_number_restraints                     ? 
_refine.occupancy_min                            ? 
_refine.occupancy_max                            ? 
_refine.correlation_coeff_Fo_to_Fc               0.937 
_refine.correlation_coeff_Fo_to_Fc_free          0.943 
_refine.B_iso_mean                               39.494 
_refine.aniso_B[1][1]                            1.20 
_refine.aniso_B[2][2]                            -2.25 
_refine.aniso_B[3][3]                            1.05 
_refine.aniso_B[1][2]                            0.00 
_refine.aniso_B[1][3]                            0.00 
_refine.aniso_B[2][3]                            0.00 
_refine.solvent_model_details                    'BABINET MODEL WITH MASK' 
_refine.solvent_model_param_ksol                 ? 
_refine.solvent_model_param_bsol                 ? 
_refine.pdbx_solvent_vdw_probe_radii             1.40 
_refine.pdbx_solvent_ion_probe_radii             0.80 
_refine.pdbx_solvent_shrinkage_radii             0.80 
_refine.pdbx_ls_cross_valid_method               THROUGHOUT 
_refine.details                                  ? 
_refine.pdbx_starting_model                      ? 
_refine.pdbx_method_to_determine_struct          'MOLECULAR REPLACEMENT' 
_refine.pdbx_isotropic_thermal_model             ? 
_refine.pdbx_stereochemistry_target_values       'MAXIMUM LIKELIHOOD' 
_refine.pdbx_stereochem_target_val_spec_case     ? 
_refine.pdbx_R_Free_selection_details            RANDOM 
_refine.pdbx_overall_ESU_R                       0.278 
_refine.pdbx_overall_ESU_R_Free                  0.205 
_refine.overall_SU_ML                            0.152 
_refine.overall_SU_B                             5.247 
_refine.ls_redundancy_reflns_obs                 ? 
_refine.overall_SU_R_Cruickshank_DPI             ? 
_refine.overall_SU_R_free                        ? 
_refine.ls_wR_factor_R_free                      ? 
_refine.ls_wR_factor_R_work                      ? 
_refine.overall_FOM_free_R_set                   ? 
_refine.overall_FOM_work_R_set                   ? 
_refine.pdbx_refine_id                           'X-RAY DIFFRACTION' 
_refine.pdbx_diffrn_id                           1 
_refine.pdbx_TLS_residual_ADP_flag               ? 
_refine.pdbx_overall_phase_error                 ? 
_refine.pdbx_overall_SU_R_free_Cruickshank_DPI   ? 
_refine.pdbx_overall_SU_R_Blow_DPI               ? 
_refine.pdbx_overall_SU_R_free_Blow_DPI          ? 
# 
_refine_hist.pdbx_refine_id                   'X-RAY DIFFRACTION' 
_refine_hist.cycle_id                         LAST 
_refine_hist.pdbx_number_atoms_protein        0 
_refine_hist.pdbx_number_atoms_nucleic_acid   225 
_refine_hist.pdbx_number_atoms_ligand         47 
_refine_hist.number_atoms_solvent             28 
_refine_hist.number_atoms_total               300 
_refine_hist.d_res_high                       2.00 
_refine_hist.d_res_low                        25 
# 
loop_
_refine_ls_restr.type 
_refine_ls_restr.dev_ideal 
_refine_ls_restr.dev_ideal_target 
_refine_ls_restr.weight 
_refine_ls_restr.number 
_refine_ls_restr.pdbx_refine_id 
_refine_ls_restr.pdbx_restraint_function 
r_bond_refined_d         0.013 0.021 ? 307 'X-RAY DIFFRACTION' ? 
r_angle_refined_deg      2.127 3.000 ? 453 'X-RAY DIFFRACTION' ? 
r_chiral_restr           0.082 0.200 ? 33  'X-RAY DIFFRACTION' ? 
r_gen_planes_refined     0.011 0.020 ? 161 'X-RAY DIFFRACTION' ? 
r_nbd_refined            0.200 0.200 ? 74  'X-RAY DIFFRACTION' ? 
r_xyhbond_nbd_refined    0.219 0.200 ? 19  'X-RAY DIFFRACTION' ? 
r_metal_ion_refined      0.128 0.200 ? 1   'X-RAY DIFFRACTION' ? 
r_symmetry_vdw_refined   0.211 0.200 ? 84  'X-RAY DIFFRACTION' ? 
r_symmetry_hbond_refined 0.190 0.200 ? 18  'X-RAY DIFFRACTION' ? 
r_mcbond_it              1.939 1.500 ? 5   'X-RAY DIFFRACTION' ? 
r_scbond_it              2.280 3.000 ? 298 'X-RAY DIFFRACTION' ? 
r_scangle_it             2.969 4.500 ? 453 'X-RAY DIFFRACTION' ? 
# 
_refine_ls_shell.pdbx_total_number_of_bins_used   20 
_refine_ls_shell.d_res_high                       1.997 
_refine_ls_shell.d_res_low                        2.048 
_refine_ls_shell.number_reflns_R_work             116 
_refine_ls_shell.R_factor_R_work                  0.193 
_refine_ls_shell.percent_reflns_obs               ? 
_refine_ls_shell.R_factor_R_free                  0.259 
_refine_ls_shell.R_factor_R_free_error            ? 
_refine_ls_shell.percent_reflns_R_free            ? 
_refine_ls_shell.number_reflns_R_free             9 
_refine_ls_shell.redundancy_reflns_obs            ? 
_refine_ls_shell.pdbx_refine_id                   'X-RAY DIFFRACTION' 
_refine_ls_shell.number_reflns_all                ? 
_refine_ls_shell.R_factor_all                     ? 
# 
_struct.entry_id                  1XCU 
_struct.title                     'oligonucleotid/drug complex' 
_struct.pdbx_model_details        ? 
_struct.pdbx_CASP_flag            ? 
_struct.pdbx_model_type_details   ? 
# 
_struct_keywords.entry_id        1XCU 
_struct_keywords.pdbx_keywords   DNA 
_struct_keywords.text            'DRUG-DNA COMPLEX, ANTHRAQUINONE, CO2+, DNA' 
# 
loop_
_struct_asym.id 
_struct_asym.pdbx_blank_PDB_chainid_flag 
_struct_asym.pdbx_modified 
_struct_asym.entity_id 
_struct_asym.details 
A N N 1 ? 
B N N 1 ? 
C N N 2 ? 
D N N 2 ? 
E N N 3 ? 
F N N 2 ? 
G N N 4 ? 
H N N 5 ? 
I N N 3 ? 
J N N 6 ? 
K N N 6 ? 
# 
_struct_ref.id                         1 
_struct_ref.entity_id                  1 
_struct_ref.db_name                    PDB 
_struct_ref.db_code                    1XCU 
_struct_ref.pdbx_db_accession          1XCU 
_struct_ref.pdbx_db_isoform            ? 
_struct_ref.pdbx_seq_one_letter_code   ? 
_struct_ref.pdbx_align_begin           ? 
# 
loop_
_struct_ref_seq.align_id 
_struct_ref_seq.ref_id 
_struct_ref_seq.pdbx_PDB_id_code 
_struct_ref_seq.pdbx_strand_id 
_struct_ref_seq.seq_align_beg 
_struct_ref_seq.pdbx_seq_align_beg_ins_code 
_struct_ref_seq.seq_align_end 
_struct_ref_seq.pdbx_seq_align_end_ins_code 
_struct_ref_seq.pdbx_db_accession 
_struct_ref_seq.db_align_beg 
_struct_ref_seq.pdbx_db_align_beg_ins_code 
_struct_ref_seq.db_align_end 
_struct_ref_seq.pdbx_db_align_end_ins_code 
_struct_ref_seq.pdbx_auth_seq_align_beg 
_struct_ref_seq.pdbx_auth_seq_align_end 
1 1 1XCU A 1 ? 6 ? 1XCU 1 ? 6  ? 1 6  
2 1 1XCU B 1 ? 6 ? 1XCU 7 ? 12 ? 7 12 
# 
_pdbx_struct_assembly.id                   1 
_pdbx_struct_assembly.details              author_defined_assembly 
_pdbx_struct_assembly.method_details       ? 
_pdbx_struct_assembly.oligomeric_details   dimeric 
_pdbx_struct_assembly.oligomeric_count     2 
# 
_pdbx_struct_assembly_gen.assembly_id       1 
_pdbx_struct_assembly_gen.oper_expression   1 
_pdbx_struct_assembly_gen.asym_id_list      A,B,C,D,E,F,G,H,I,J,K 
# 
_pdbx_struct_oper_list.id                   1 
_pdbx_struct_oper_list.type                 'identity operation' 
_pdbx_struct_oper_list.name                 1_555 
_pdbx_struct_oper_list.symmetry_operation   x,y,z 
_pdbx_struct_oper_list.matrix[1][1]         1.0000000000 
_pdbx_struct_oper_list.matrix[1][2]         0.0000000000 
_pdbx_struct_oper_list.matrix[1][3]         0.0000000000 
_pdbx_struct_oper_list.vector[1]            0.0000000000 
_pdbx_struct_oper_list.matrix[2][1]         0.0000000000 
_pdbx_struct_oper_list.matrix[2][2]         1.0000000000 
_pdbx_struct_oper_list.matrix[2][3]         0.0000000000 
_pdbx_struct_oper_list.vector[2]            0.0000000000 
_pdbx_struct_oper_list.matrix[3][1]         0.0000000000 
_pdbx_struct_oper_list.matrix[3][2]         0.0000000000 
_pdbx_struct_oper_list.matrix[3][3]         1.0000000000 
_pdbx_struct_oper_list.vector[3]            0.0000000000 
# 
_struct_biol.id                    1 
_struct_biol.pdbx_parent_biol_id   ? 
_struct_biol.details               ? 
# 
loop_
_struct_conn.id 
_struct_conn.conn_type_id 
_struct_conn.pdbx_leaving_atom_flag 
_struct_conn.pdbx_PDB_id 
_struct_conn.ptnr1_label_asym_id 
_struct_conn.ptnr1_label_comp_id 
_struct_conn.ptnr1_label_seq_id 
_struct_conn.ptnr1_label_atom_id 
_struct_conn.pdbx_ptnr1_label_alt_id 
_struct_conn.pdbx_ptnr1_PDB_ins_code 
_struct_conn.pdbx_ptnr1_standard_comp_id 
_struct_conn.ptnr1_symmetry 
_struct_conn.ptnr2_label_asym_id 
_struct_conn.ptnr2_label_comp_id 
_struct_conn.ptnr2_label_seq_id 
_struct_conn.ptnr2_label_atom_id 
_struct_conn.pdbx_ptnr2_label_alt_id 
_struct_conn.pdbx_ptnr2_PDB_ins_code 
_struct_conn.ptnr1_auth_asym_id 
_struct_conn.ptnr1_auth_comp_id 
_struct_conn.ptnr1_auth_seq_id 
_struct_conn.ptnr2_auth_asym_id 
_struct_conn.ptnr2_auth_comp_id 
_struct_conn.ptnr2_auth_seq_id 
_struct_conn.ptnr2_symmetry 
_struct_conn.pdbx_ptnr3_label_atom_id 
_struct_conn.pdbx_ptnr3_label_seq_id 
_struct_conn.pdbx_ptnr3_label_comp_id 
_struct_conn.pdbx_ptnr3_label_asym_id 
_struct_conn.pdbx_ptnr3_label_alt_id 
_struct_conn.pdbx_ptnr3_PDB_ins_code 
_struct_conn.details 
_struct_conn.pdbx_dist_value 
_struct_conn.pdbx_value_order 
_struct_conn.pdbx_role 
metalc1  metalc ? ? A DG 2 N7  ? ? ? 1_555 C CO  . CO ? ? A DG 2  A CO  33 1_555 ? ? ? ? ? ? ?            2.272 ? ? 
metalc2  metalc ? ? A DG 6 OP1 ? ? ? 1_555 D CO  . CO ? ? A DG 6  A CO  35 1_555 ? ? ? ? ? ? ?            2.139 ? ? 
metalc3  metalc ? ? C CO . CO  ? ? ? 1_555 J HOH . O  ? ? A CO 33 A HOH 43 1_555 ? ? ? ? ? ? ?            2.173 ? ? 
metalc4  metalc ? ? C CO . CO  ? ? ? 1_555 J HOH . O  ? ? A CO 33 A HOH 48 1_555 ? ? ? ? ? ? ?            2.212 ? ? 
metalc5  metalc ? ? C CO . CO  ? ? ? 1_555 J HOH . O  ? ? A CO 33 A HOH 49 1_555 ? ? ? ? ? ? ?            2.183 ? ? 
metalc6  metalc ? ? C CO . CO  ? ? ? 1_555 J HOH . O  ? ? A CO 33 A HOH 51 1_555 ? ? ? ? ? ? ?            2.215 ? ? 
metalc7  metalc ? ? C CO . CO  ? ? ? 1_555 J HOH . O  ? ? A CO 33 A HOH 52 1_555 ? ? ? ? ? ? ?            2.197 ? ? 
metalc8  metalc ? ? D CO . CO  ? ? ? 1_555 J HOH . O  ? ? A CO 35 A HOH 53 1_555 ? ? ? ? ? ? ?            1.940 ? ? 
metalc9  metalc ? ? D CO . CO  ? ? ? 1_555 J HOH . O  ? ? A CO 35 A HOH 53 2_655 ? ? ? ? ? ? ?            1.858 ? ? 
metalc10 metalc ? ? D CO . CO  ? ? ? 1_555 J HOH . O  ? ? A CO 35 A HOH 53 3_655 ? ? ? ? ? ? ?            2.585 ? ? 
metalc11 metalc ? ? D CO . CO  ? ? ? 1_555 J HOH . O  ? ? A CO 35 A HOH 53 4_555 ? ? ? ? ? ? ?            1.539 ? ? 
metalc12 metalc ? ? B DG 6 N7  ? ? ? 1_555 F CO  . CO ? ? B DG 12 B CO  32 1_555 ? ? ? ? ? ? ?            2.233 ? ? 
metalc13 metalc ? ? B DG 6 N7  ? ? ? 3_755 F CO  . CO ? ? B DG 12 B CO  32 1_555 ? ? ? ? ? ? ?            2.241 ? ? 
metalc14 metalc ? ? B DG 6 O6  ? ? ? 1_555 G BA  . BA ? ? B DG 12 B BA  34 1_555 ? ? ? ? ? ? ?            2.648 ? ? 
metalc15 metalc ? ? B DG 6 O6  ? ? ? 3_755 G BA  . BA ? ? B DG 12 B BA  34 1_555 ? ? ? ? ? ? ?            2.650 ? ? 
metalc16 metalc ? ? F CO . CO  ? ? ? 1_555 K HOH . O  ? ? B CO 32 B HOH 46 1_555 ? ? ? ? ? ? ?            2.072 ? ? 
metalc17 metalc ? ? F CO . CO  ? ? ? 1_555 K HOH . O  ? ? B CO 32 B HOH 46 3_755 ? ? ? ? ? ? ?            2.074 ? ? 
metalc18 metalc ? ? F CO . CO  ? ? ? 1_555 K HOH . O  ? ? B CO 32 B HOH 49 1_555 ? ? ? ? ? ? ?            2.023 ? ? 
metalc19 metalc ? ? F CO . CO  ? ? ? 1_555 K HOH . O  ? ? B CO 32 B HOH 49 3_755 ? ? ? ? ? ? ?            2.024 ? ? 
metalc20 metalc ? ? G BA . BA  ? ? ? 1_555 K HOH . O  ? ? B BA 34 B HOH 49 1_555 ? ? ? ? ? ? ?            3.311 ? ? 
metalc21 metalc ? ? G BA . BA  ? ? ? 1_555 K HOH . O  ? ? B BA 34 B HOH 49 3_755 ? ? ? ? ? ? ?            3.309 ? ? 
metalc22 metalc ? ? G BA . BA  ? ? ? 1_555 K HOH . O  ? ? B BA 34 B HOH 57 1_555 ? ? ? ? ? ? ?            2.829 ? ? 
metalc23 metalc ? ? G BA . BA  ? ? ? 1_555 K HOH . O  ? ? B BA 34 B HOH 57 3_755 ? ? ? ? ? ? ?            2.832 ? ? 
hydrog1  hydrog ? ? A DG 2 N1  ? ? ? 1_555 B DC  5 N3 ? ? A DG 2  B DC  11 1_555 ? ? ? ? ? ? WATSON-CRICK ?     ? ? 
hydrog2  hydrog ? ? A DG 2 N2  ? ? ? 1_555 B DC  5 O2 ? ? A DG 2  B DC  11 1_555 ? ? ? ? ? ? WATSON-CRICK ?     ? ? 
hydrog3  hydrog ? ? A DG 2 O6  ? ? ? 1_555 B DC  5 N4 ? ? A DG 2  B DC  11 1_555 ? ? ? ? ? ? WATSON-CRICK ?     ? ? 
hydrog4  hydrog ? ? A DT 3 N3  ? ? ? 1_555 B DA  4 N1 ? ? A DT 3  B DA  10 1_555 ? ? ? ? ? ? WATSON-CRICK ?     ? ? 
hydrog5  hydrog ? ? A DT 3 O4  ? ? ? 1_555 B DA  4 N6 ? ? A DT 3  B DA  10 1_555 ? ? ? ? ? ? WATSON-CRICK ?     ? ? 
hydrog6  hydrog ? ? A DA 4 N1  ? ? ? 1_555 B DT  3 N3 ? ? A DA 4  B DT  9  1_555 ? ? ? ? ? ? WATSON-CRICK ?     ? ? 
hydrog7  hydrog ? ? A DA 4 N6  ? ? ? 1_555 B DT  3 O4 ? ? A DA 4  B DT  9  1_555 ? ? ? ? ? ? WATSON-CRICK ?     ? ? 
hydrog8  hydrog ? ? A DC 5 N3  ? ? ? 1_555 B DG  2 N1 ? ? A DC 5  B DG  8  1_555 ? ? ? ? ? ? WATSON-CRICK ?     ? ? 
hydrog9  hydrog ? ? A DC 5 N4  ? ? ? 1_555 B DG  2 O6 ? ? A DC 5  B DG  8  1_555 ? ? ? ? ? ? WATSON-CRICK ?     ? ? 
hydrog10 hydrog ? ? A DC 5 O2  ? ? ? 1_555 B DG  2 N2 ? ? A DC 5  B DG  8  1_555 ? ? ? ? ? ? WATSON-CRICK ?     ? ? 
# 
loop_
_struct_conn_type.id 
_struct_conn_type.criteria 
_struct_conn_type.reference 
metalc ? ? 
hydrog ? ? 
# 
loop_
_pdbx_struct_conn_angle.id 
_pdbx_struct_conn_angle.ptnr1_label_atom_id 
_pdbx_struct_conn_angle.ptnr1_label_alt_id 
_pdbx_struct_conn_angle.ptnr1_label_asym_id 
_pdbx_struct_conn_angle.ptnr1_label_comp_id 
_pdbx_struct_conn_angle.ptnr1_label_seq_id 
_pdbx_struct_conn_angle.ptnr1_auth_atom_id 
_pdbx_struct_conn_angle.ptnr1_auth_asym_id 
_pdbx_struct_conn_angle.ptnr1_auth_comp_id 
_pdbx_struct_conn_angle.ptnr1_auth_seq_id 
_pdbx_struct_conn_angle.ptnr1_PDB_ins_code 
_pdbx_struct_conn_angle.ptnr1_symmetry 
_pdbx_struct_conn_angle.ptnr2_label_atom_id 
_pdbx_struct_conn_angle.ptnr2_label_alt_id 
_pdbx_struct_conn_angle.ptnr2_label_asym_id 
_pdbx_struct_conn_angle.ptnr2_label_comp_id 
_pdbx_struct_conn_angle.ptnr2_label_seq_id 
_pdbx_struct_conn_angle.ptnr2_auth_atom_id 
_pdbx_struct_conn_angle.ptnr2_auth_asym_id 
_pdbx_struct_conn_angle.ptnr2_auth_comp_id 
_pdbx_struct_conn_angle.ptnr2_auth_seq_id 
_pdbx_struct_conn_angle.ptnr2_PDB_ins_code 
_pdbx_struct_conn_angle.ptnr2_symmetry 
_pdbx_struct_conn_angle.ptnr3_label_atom_id 
_pdbx_struct_conn_angle.ptnr3_label_alt_id 
_pdbx_struct_conn_angle.ptnr3_label_asym_id 
_pdbx_struct_conn_angle.ptnr3_label_comp_id 
_pdbx_struct_conn_angle.ptnr3_label_seq_id 
_pdbx_struct_conn_angle.ptnr3_auth_atom_id 
_pdbx_struct_conn_angle.ptnr3_auth_asym_id 
_pdbx_struct_conn_angle.ptnr3_auth_comp_id 
_pdbx_struct_conn_angle.ptnr3_auth_seq_id 
_pdbx_struct_conn_angle.ptnr3_PDB_ins_code 
_pdbx_struct_conn_angle.ptnr3_symmetry 
_pdbx_struct_conn_angle.value 
_pdbx_struct_conn_angle.value_esd 
1  N7  ? A DG  2 ? A DG  2  ? 1_555 CO ? C CO . ? A CO 33 ? 1_555 O  ? J HOH . ? A HOH 43 ? 1_555 81.4  ? 
2  N7  ? A DG  2 ? A DG  2  ? 1_555 CO ? C CO . ? A CO 33 ? 1_555 O  ? J HOH . ? A HOH 48 ? 1_555 85.0  ? 
3  O   ? J HOH . ? A HOH 43 ? 1_555 CO ? C CO . ? A CO 33 ? 1_555 O  ? J HOH . ? A HOH 48 ? 1_555 82.5  ? 
4  N7  ? A DG  2 ? A DG  2  ? 1_555 CO ? C CO . ? A CO 33 ? 1_555 O  ? J HOH . ? A HOH 49 ? 1_555 99.4  ? 
5  O   ? J HOH . ? A HOH 43 ? 1_555 CO ? C CO . ? A CO 33 ? 1_555 O  ? J HOH . ? A HOH 49 ? 1_555 101.0 ? 
6  O   ? J HOH . ? A HOH 48 ? 1_555 CO ? C CO . ? A CO 33 ? 1_555 O  ? J HOH . ? A HOH 49 ? 1_555 174.8 ? 
7  N7  ? A DG  2 ? A DG  2  ? 1_555 CO ? C CO . ? A CO 33 ? 1_555 O  ? J HOH . ? A HOH 51 ? 1_555 178.0 ? 
8  O   ? J HOH . ? A HOH 43 ? 1_555 CO ? C CO . ? A CO 33 ? 1_555 O  ? J HOH . ? A HOH 51 ? 1_555 100.5 ? 
9  O   ? J HOH . ? A HOH 48 ? 1_555 CO ? C CO . ? A CO 33 ? 1_555 O  ? J HOH . ? A HOH 51 ? 1_555 94.6  ? 
10 O   ? J HOH . ? A HOH 49 ? 1_555 CO ? C CO . ? A CO 33 ? 1_555 O  ? J HOH . ? A HOH 51 ? 1_555 81.0  ? 
11 N7  ? A DG  2 ? A DG  2  ? 1_555 CO ? C CO . ? A CO 33 ? 1_555 O  ? J HOH . ? A HOH 52 ? 1_555 96.1  ? 
12 O   ? J HOH . ? A HOH 43 ? 1_555 CO ? C CO . ? A CO 33 ? 1_555 O  ? J HOH . ? A HOH 52 ? 1_555 175.3 ? 
13 O   ? J HOH . ? A HOH 48 ? 1_555 CO ? C CO . ? A CO 33 ? 1_555 O  ? J HOH . ? A HOH 52 ? 1_555 93.3  ? 
14 O   ? J HOH . ? A HOH 49 ? 1_555 CO ? C CO . ? A CO 33 ? 1_555 O  ? J HOH . ? A HOH 52 ? 1_555 83.3  ? 
15 O   ? J HOH . ? A HOH 51 ? 1_555 CO ? C CO . ? A CO 33 ? 1_555 O  ? J HOH . ? A HOH 52 ? 1_555 82.0  ? 
16 OP1 ? A DG  6 ? A DG  6  ? 1_555 CO ? D CO . ? A CO 35 ? 1_555 O  ? J HOH . ? A HOH 53 ? 1_555 68.3  ? 
17 OP1 ? A DG  6 ? A DG  6  ? 1_555 CO ? D CO . ? A CO 35 ? 1_555 O  ? J HOH . ? A HOH 53 ? 2_655 159.6 ? 
18 O   ? J HOH . ? A HOH 53 ? 1_555 CO ? D CO . ? A CO 35 ? 1_555 O  ? J HOH . ? A HOH 53 ? 2_655 103.9 ? 
19 OP1 ? A DG  6 ? A DG  6  ? 1_555 CO ? D CO . ? A CO 35 ? 1_555 O  ? J HOH . ? A HOH 53 ? 3_655 132.7 ? 
20 O   ? J HOH . ? A HOH 53 ? 1_555 CO ? D CO . ? A CO 35 ? 1_555 O  ? J HOH . ? A HOH 53 ? 3_655 72.5  ? 
21 O   ? J HOH . ? A HOH 53 ? 2_655 CO ? D CO . ? A CO 35 ? 1_555 O  ? J HOH . ? A HOH 53 ? 3_655 32.2  ? 
22 OP1 ? A DG  6 ? A DG  6  ? 1_555 CO ? D CO . ? A CO 35 ? 1_555 O  ? J HOH . ? A HOH 53 ? 4_555 82.3  ? 
23 O   ? J HOH . ? A HOH 53 ? 1_555 CO ? D CO . ? A CO 35 ? 1_555 O  ? J HOH . ? A HOH 53 ? 4_555 46.3  ? 
24 O   ? J HOH . ? A HOH 53 ? 2_655 CO ? D CO . ? A CO 35 ? 1_555 O  ? J HOH . ? A HOH 53 ? 4_555 106.2 ? 
25 O   ? J HOH . ? A HOH 53 ? 3_655 CO ? D CO . ? A CO 35 ? 1_555 O  ? J HOH . ? A HOH 53 ? 4_555 89.3  ? 
26 N7  ? B DG  6 ? B DG  12 ? 1_555 CO ? F CO . ? B CO 32 ? 1_555 N7 ? B DG  6 ? B DG  12 ? 3_755 178.5 ? 
27 N7  ? B DG  6 ? B DG  12 ? 1_555 CO ? F CO . ? B CO 32 ? 1_555 O  ? K HOH . ? B HOH 46 ? 1_555 86.0  ? 
28 N7  ? B DG  6 ? B DG  12 ? 3_755 CO ? F CO . ? B CO 32 ? 1_555 O  ? K HOH . ? B HOH 46 ? 1_555 92.8  ? 
29 N7  ? B DG  6 ? B DG  12 ? 1_555 CO ? F CO . ? B CO 32 ? 1_555 O  ? K HOH . ? B HOH 46 ? 3_755 93.0  ? 
30 N7  ? B DG  6 ? B DG  12 ? 3_755 CO ? F CO . ? B CO 32 ? 1_555 O  ? K HOH . ? B HOH 46 ? 3_755 85.8  ? 
31 O   ? K HOH . ? B HOH 46 ? 1_555 CO ? F CO . ? B CO 32 ? 1_555 O  ? K HOH . ? B HOH 46 ? 3_755 71.2  ? 
32 N7  ? B DG  6 ? B DG  12 ? 1_555 CO ? F CO . ? B CO 32 ? 1_555 O  ? K HOH . ? B HOH 49 ? 1_555 97.1  ? 
33 N7  ? B DG  6 ? B DG  12 ? 3_755 CO ? F CO . ? B CO 32 ? 1_555 O  ? K HOH . ? B HOH 49 ? 1_555 83.9  ? 
34 O   ? K HOH . ? B HOH 46 ? 1_555 CO ? F CO . ? B CO 32 ? 1_555 O  ? K HOH . ? B HOH 49 ? 1_555 93.5  ? 
35 O   ? K HOH . ? B HOH 46 ? 3_755 CO ? F CO . ? B CO 32 ? 1_555 O  ? K HOH . ? B HOH 49 ? 1_555 161.1 ? 
36 N7  ? B DG  6 ? B DG  12 ? 1_555 CO ? F CO . ? B CO 32 ? 1_555 O  ? K HOH . ? B HOH 49 ? 3_755 84.1  ? 
37 N7  ? B DG  6 ? B DG  12 ? 3_755 CO ? F CO . ? B CO 32 ? 1_555 O  ? K HOH . ? B HOH 49 ? 3_755 96.8  ? 
38 O   ? K HOH . ? B HOH 46 ? 1_555 CO ? F CO . ? B CO 32 ? 1_555 O  ? K HOH . ? B HOH 49 ? 3_755 161.2 ? 
39 O   ? K HOH . ? B HOH 46 ? 3_755 CO ? F CO . ? B CO 32 ? 1_555 O  ? K HOH . ? B HOH 49 ? 3_755 93.4  ? 
40 O   ? K HOH . ? B HOH 49 ? 1_555 CO ? F CO . ? B CO 32 ? 1_555 O  ? K HOH . ? B HOH 49 ? 3_755 103.5 ? 
41 O6  ? B DG  6 ? B DG  12 ? 1_555 BA ? G BA . ? B BA 34 ? 1_555 O6 ? B DG  6 ? B DG  12 ? 3_755 126.5 ? 
42 O6  ? B DG  6 ? B DG  12 ? 1_555 BA ? G BA . ? B BA 34 ? 1_555 O  ? K HOH . ? B HOH 49 ? 1_555 63.9  ? 
43 O6  ? B DG  6 ? B DG  12 ? 3_755 BA ? G BA . ? B BA 34 ? 1_555 O  ? K HOH . ? B HOH 49 ? 1_555 69.5  ? 
44 O6  ? B DG  6 ? B DG  12 ? 1_555 BA ? G BA . ? B BA 34 ? 1_555 O  ? K HOH . ? B HOH 49 ? 3_755 69.5  ? 
45 O6  ? B DG  6 ? B DG  12 ? 3_755 BA ? G BA . ? B BA 34 ? 1_555 O  ? K HOH . ? B HOH 49 ? 3_755 63.9  ? 
46 O   ? K HOH . ? B HOH 49 ? 1_555 BA ? G BA . ? B BA 34 ? 1_555 O  ? K HOH . ? B HOH 49 ? 3_755 57.4  ? 
47 O6  ? B DG  6 ? B DG  12 ? 1_555 BA ? G BA . ? B BA 34 ? 1_555 O  ? K HOH . ? B HOH 57 ? 1_555 80.2  ? 
48 O6  ? B DG  6 ? B DG  12 ? 3_755 BA ? G BA . ? B BA 34 ? 1_555 O  ? K HOH . ? B HOH 57 ? 1_555 146.3 ? 
49 O   ? K HOH . ? B HOH 49 ? 1_555 BA ? G BA . ? B BA 34 ? 1_555 O  ? K HOH . ? B HOH 57 ? 1_555 143.0 ? 
50 O   ? K HOH . ? B HOH 49 ? 3_755 BA ? G BA . ? B BA 34 ? 1_555 O  ? K HOH . ? B HOH 57 ? 1_555 119.5 ? 
51 O6  ? B DG  6 ? B DG  12 ? 1_555 BA ? G BA . ? B BA 34 ? 1_555 O  ? K HOH . ? B HOH 57 ? 3_755 146.3 ? 
52 O6  ? B DG  6 ? B DG  12 ? 3_755 BA ? G BA . ? B BA 34 ? 1_555 O  ? K HOH . ? B HOH 57 ? 3_755 80.1  ? 
53 O   ? K HOH . ? B HOH 49 ? 1_555 BA ? G BA . ? B BA 34 ? 1_555 O  ? K HOH . ? B HOH 57 ? 3_755 119.3 ? 
54 O   ? K HOH . ? B HOH 49 ? 3_755 BA ? G BA . ? B BA 34 ? 1_555 O  ? K HOH . ? B HOH 57 ? 3_755 142.9 ? 
55 O   ? K HOH . ? B HOH 57 ? 1_555 BA ? G BA . ? B BA 34 ? 1_555 O  ? K HOH . ? B HOH 57 ? 3_755 85.5  ? 
# 
loop_
_struct_site.id 
_struct_site.pdbx_evidence_code 
_struct_site.pdbx_auth_asym_id 
_struct_site.pdbx_auth_comp_id 
_struct_site.pdbx_auth_seq_id 
_struct_site.pdbx_auth_ins_code 
_struct_site.pdbx_num_residues 
_struct_site.details 
AC1 Software B CO  32 ? 3 'BINDING SITE FOR RESIDUE CO B 32'  
AC2 Software A CO  33 ? 6 'BINDING SITE FOR RESIDUE CO A 33'  
AC3 Software B BA  34 ? 2 'BINDING SITE FOR RESIDUE BA B 34'  
AC4 Software A CO  35 ? 4 'BINDING SITE FOR RESIDUE CO A 35'  
AC5 Software B NA  36 ? 2 'BINDING SITE FOR RESIDUE NA B 36'  
AC6 Software A AN9 41 ? 4 'BINDING SITE FOR RESIDUE AN9 A 41' 
AC7 Software B AN9 42 ? 5 'BINDING SITE FOR RESIDUE AN9 B 42' 
1   ?        ? ?   ?  ? ? ?                                   
# 
loop_
_struct_site_gen.id 
_struct_site_gen.site_id 
_struct_site_gen.pdbx_num_res 
_struct_site_gen.label_comp_id 
_struct_site_gen.label_asym_id 
_struct_site_gen.label_seq_id 
_struct_site_gen.pdbx_auth_ins_code 
_struct_site_gen.auth_comp_id 
_struct_site_gen.auth_asym_id 
_struct_site_gen.auth_seq_id 
_struct_site_gen.label_atom_id 
_struct_site_gen.label_alt_id 
_struct_site_gen.symmetry 
_struct_site_gen.details 
1  AC1 3 DG  B 6 ? DG  B 12 . ? 1_555 ? 
2  AC1 3 HOH K . ? HOH B 46 . ? 1_555 ? 
3  AC1 3 HOH K . ? HOH B 49 . ? 1_555 ? 
4  AC2 6 DG  A 2 ? DG  A 2  . ? 1_555 ? 
5  AC2 6 HOH J . ? HOH A 43 . ? 1_555 ? 
6  AC2 6 HOH J . ? HOH A 48 . ? 1_555 ? 
7  AC2 6 HOH J . ? HOH A 49 . ? 1_555 ? 
8  AC2 6 HOH J . ? HOH A 51 . ? 1_555 ? 
9  AC2 6 HOH J . ? HOH A 52 . ? 1_555 ? 
10 AC3 2 DG  B 6 ? DG  B 12 . ? 3_755 ? 
11 AC3 2 HOH K . ? HOH B 57 . ? 3_755 ? 
12 AC4 4 DC  A 5 ? DC  A 5  . ? 1_555 ? 
13 AC4 4 DG  A 6 ? DG  A 6  . ? 2_655 ? 
14 AC4 4 HOH J . ? HOH A 44 . ? 2_655 ? 
15 AC4 4 HOH J . ? HOH A 53 . ? 3_655 ? 
16 AC5 2 DG  B 2 ? DG  B 8  . ? 1_555 ? 
17 AC5 2 AN9 I . ? AN9 B 42 . ? 2_655 ? 
18 AC6 4 DC  A 5 ? DC  A 5  . ? 1_555 ? 
19 AC6 4 DG  A 6 ? DG  A 6  . ? 2_655 ? 
20 AC6 4 DC  B 1 ? DC  B 7  . ? 4_556 ? 
21 AC6 4 DG  B 2 ? DG  B 8  . ? 1_555 ? 
22 AC7 5 DC  A 5 ? DC  A 5  . ? 2_655 ? 
23 AC7 5 DG  A 6 ? DG  A 6  . ? 2_655 ? 
24 AC7 5 DC  B 1 ? DC  B 7  . ? 4_556 ? 
25 AC7 5 DG  B 2 ? DG  B 8  . ? 1_555 ? 
26 AC7 5 NA  H . ? NA  B 36 . ? 4_556 ? 
# 
_pdbx_validate_close_contact.id               1 
_pdbx_validate_close_contact.PDB_model_num    1 
_pdbx_validate_close_contact.auth_atom_id_1   O 
_pdbx_validate_close_contact.auth_asym_id_1   B 
_pdbx_validate_close_contact.auth_comp_id_1   HOH 
_pdbx_validate_close_contact.auth_seq_id_1    53 
_pdbx_validate_close_contact.PDB_ins_code_1   ? 
_pdbx_validate_close_contact.label_alt_id_1   ? 
_pdbx_validate_close_contact.auth_atom_id_2   O 
_pdbx_validate_close_contact.auth_asym_id_2   B 
_pdbx_validate_close_contact.auth_comp_id_2   HOH 
_pdbx_validate_close_contact.auth_seq_id_2    54 
_pdbx_validate_close_contact.PDB_ins_code_2   ? 
_pdbx_validate_close_contact.label_alt_id_2   ? 
_pdbx_validate_close_contact.dist             2.17 
# 
loop_
_pdbx_validate_rmsd_angle.id 
_pdbx_validate_rmsd_angle.PDB_model_num 
_pdbx_validate_rmsd_angle.auth_atom_id_1 
_pdbx_validate_rmsd_angle.auth_asym_id_1 
_pdbx_validate_rmsd_angle.auth_comp_id_1 
_pdbx_validate_rmsd_angle.auth_seq_id_1 
_pdbx_validate_rmsd_angle.PDB_ins_code_1 
_pdbx_validate_rmsd_angle.label_alt_id_1 
_pdbx_validate_rmsd_angle.auth_atom_id_2 
_pdbx_validate_rmsd_angle.auth_asym_id_2 
_pdbx_validate_rmsd_angle.auth_comp_id_2 
_pdbx_validate_rmsd_angle.auth_seq_id_2 
_pdbx_validate_rmsd_angle.PDB_ins_code_2 
_pdbx_validate_rmsd_angle.label_alt_id_2 
_pdbx_validate_rmsd_angle.auth_atom_id_3 
_pdbx_validate_rmsd_angle.auth_asym_id_3 
_pdbx_validate_rmsd_angle.auth_comp_id_3 
_pdbx_validate_rmsd_angle.auth_seq_id_3 
_pdbx_validate_rmsd_angle.PDB_ins_code_3 
_pdbx_validate_rmsd_angle.label_alt_id_3 
_pdbx_validate_rmsd_angle.angle_value 
_pdbx_validate_rmsd_angle.angle_target_value 
_pdbx_validate_rmsd_angle.angle_deviation 
_pdbx_validate_rmsd_angle.angle_standard_deviation 
_pdbx_validate_rmsd_angle.linker_flag 
1 1 "O4'" A DG 2  ? ? "C1'" A DG 2  ? ? N9    A DG 2  ? ? 101.06 108.00 -6.94 0.70 N 
2 1 "O4'" A DC 5  ? ? "C1'" A DC 5  ? ? N1    A DC 5  ? ? 110.24 108.30 1.94  0.30 N 
3 1 "O4'" A DG 6  ? ? "C1'" A DG 6  ? ? N9    A DG 6  ? ? 102.33 108.00 -5.67 0.70 N 
4 1 "O4'" B DG 8  ? ? "C1'" B DG 8  ? ? N9    B DG 8  ? ? 110.16 108.30 1.86  0.30 N 
5 1 "O4'" B DT 9  ? ? "C1'" B DT 9  ? ? N1    B DT 9  ? ? 111.07 108.30 2.77  0.30 N 
6 1 C4    B DT 9  ? ? C5    B DT 9  ? ? C7    B DT 9  ? ? 123.20 119.00 4.20  0.60 N 
7 1 C6    B DT 9  ? ? C5    B DT 9  ? ? C7    B DT 9  ? ? 118.30 122.90 -4.60 0.60 N 
8 1 "O4'" B DA 10 ? ? "C1'" B DA 10 ? ? N9    B DA 10 ? ? 103.34 108.00 -4.66 0.70 N 
9 1 "O4'" B DC 11 ? ? "C1'" B DC 11 ? ? "C2'" B DC 11 ? ? 100.36 105.90 -5.54 0.80 N 
# 
_struct_site_keywords.site_id   1 
_struct_site_keywords.text      INTERCALATION 
# 
loop_
_pdbx_struct_special_symmetry.id 
_pdbx_struct_special_symmetry.PDB_model_num 
_pdbx_struct_special_symmetry.auth_asym_id 
_pdbx_struct_special_symmetry.auth_comp_id 
_pdbx_struct_special_symmetry.auth_seq_id 
_pdbx_struct_special_symmetry.PDB_ins_code 
_pdbx_struct_special_symmetry.label_asym_id 
_pdbx_struct_special_symmetry.label_comp_id 
_pdbx_struct_special_symmetry.label_seq_id 
1 1 A AN9 41 ? E AN9 . 
2 1 B CO  32 ? F CO  . 
3 1 B BA  34 ? G BA  . 
4 1 B NA  36 ? H NA  . 
# 
loop_
_chem_comp_atom.comp_id 
_chem_comp_atom.atom_id 
_chem_comp_atom.type_symbol 
_chem_comp_atom.pdbx_aromatic_flag 
_chem_comp_atom.pdbx_stereo_config 
_chem_comp_atom.pdbx_ordinal 
AN9 O19    O  N N 1   
AN9 C18    C  N N 2   
AN9 C20    C  N N 3   
AN9 N17    N  N N 4   
AN9 C14    C  Y N 5   
AN9 C13    C  Y N 6   
AN9 C12    C  Y N 7   
AN9 C3     C  Y N 8   
AN9 C2     C  Y N 9   
AN9 C37    C  Y N 10  
AN9 C1     C  N N 11  
AN9 O15    O  N N 12  
AN9 C6     C  Y N 13  
AN9 C11    C  Y N 14  
AN9 C10    C  Y N 15  
AN9 C4     C  N N 16  
AN9 O16    O  N N 17  
AN9 C7     C  Y N 18  
AN9 N27    N  N N 19  
AN9 C8     C  Y N 20  
AN9 C9     C  Y N 21  
AN9 C5     C  N N 22  
AN9 O1     O  N N 23  
AN9 C15    C  N N 24  
AN9 C16    C  N N 25  
AN9 N1     N  N N 26  
AN9 C17    C  N N 27  
AN9 C19    C  N N 28  
AN9 C21    C  N N 29  
AN9 C22    C  N N 30  
AN9 C23    C  N N 31  
AN9 N2     N  N N 32  
AN9 C24    C  N N 33  
AN9 C25    C  N N 34  
AN9 C26    C  N N 35  
AN9 C27    C  N N 36  
AN9 H201   H  N N 37  
AN9 H202   H  N N 38  
AN9 H17    H  N N 39  
AN9 H13    H  N N 40  
AN9 H12    H  N N 41  
AN9 H37    H  N N 42  
AN9 H10    H  N N 43  
AN9 H27    H  N N 44  
AN9 H8     H  N N 45  
AN9 H9     H  N N 46  
AN9 H151   H  N N 47  
AN9 H152   H  N N 48  
AN9 H161   H  N N 49  
AN9 H162   H  N N 50  
AN9 H171   H  N N 51  
AN9 H172   H  N N 52  
AN9 H191   H  N N 53  
AN9 H192   H  N N 54  
AN9 H193   H  N N 55  
AN9 H211   H  N N 56  
AN9 H212   H  N N 57  
AN9 H221   H  N N 58  
AN9 H222   H  N N 59  
AN9 H223   H  N N 60  
AN9 H231   H  N N 61  
AN9 H232   H  N N 62  
AN9 H241   H  N N 63  
AN9 H242   H  N N 64  
AN9 H251   H  N N 65  
AN9 H252   H  N N 66  
AN9 H253   H  N N 67  
AN9 H261   H  N N 68  
AN9 H262   H  N N 69  
AN9 H271   H  N N 70  
AN9 H272   H  N N 71  
AN9 H273   H  N N 72  
BA  BA     BA N N 73  
CO  CO     CO N N 74  
DA  OP3    O  N N 75  
DA  P      P  N N 76  
DA  OP1    O  N N 77  
DA  OP2    O  N N 78  
DA  "O5'"  O  N N 79  
DA  "C5'"  C  N N 80  
DA  "C4'"  C  N R 81  
DA  "O4'"  O  N N 82  
DA  "C3'"  C  N S 83  
DA  "O3'"  O  N N 84  
DA  "C2'"  C  N N 85  
DA  "C1'"  C  N R 86  
DA  N9     N  Y N 87  
DA  C8     C  Y N 88  
DA  N7     N  Y N 89  
DA  C5     C  Y N 90  
DA  C6     C  Y N 91  
DA  N6     N  N N 92  
DA  N1     N  Y N 93  
DA  C2     C  Y N 94  
DA  N3     N  Y N 95  
DA  C4     C  Y N 96  
DA  HOP3   H  N N 97  
DA  HOP2   H  N N 98  
DA  "H5'"  H  N N 99  
DA  "H5''" H  N N 100 
DA  "H4'"  H  N N 101 
DA  "H3'"  H  N N 102 
DA  "HO3'" H  N N 103 
DA  "H2'"  H  N N 104 
DA  "H2''" H  N N 105 
DA  "H1'"  H  N N 106 
DA  H8     H  N N 107 
DA  H61    H  N N 108 
DA  H62    H  N N 109 
DA  H2     H  N N 110 
DC  OP3    O  N N 111 
DC  P      P  N N 112 
DC  OP1    O  N N 113 
DC  OP2    O  N N 114 
DC  "O5'"  O  N N 115 
DC  "C5'"  C  N N 116 
DC  "C4'"  C  N R 117 
DC  "O4'"  O  N N 118 
DC  "C3'"  C  N S 119 
DC  "O3'"  O  N N 120 
DC  "C2'"  C  N N 121 
DC  "C1'"  C  N R 122 
DC  N1     N  N N 123 
DC  C2     C  N N 124 
DC  O2     O  N N 125 
DC  N3     N  N N 126 
DC  C4     C  N N 127 
DC  N4     N  N N 128 
DC  C5     C  N N 129 
DC  C6     C  N N 130 
DC  HOP3   H  N N 131 
DC  HOP2   H  N N 132 
DC  "H5'"  H  N N 133 
DC  "H5''" H  N N 134 
DC  "H4'"  H  N N 135 
DC  "H3'"  H  N N 136 
DC  "HO3'" H  N N 137 
DC  "H2'"  H  N N 138 
DC  "H2''" H  N N 139 
DC  "H1'"  H  N N 140 
DC  H41    H  N N 141 
DC  H42    H  N N 142 
DC  H5     H  N N 143 
DC  H6     H  N N 144 
DG  OP3    O  N N 145 
DG  P      P  N N 146 
DG  OP1    O  N N 147 
DG  OP2    O  N N 148 
DG  "O5'"  O  N N 149 
DG  "C5'"  C  N N 150 
DG  "C4'"  C  N R 151 
DG  "O4'"  O  N N 152 
DG  "C3'"  C  N S 153 
DG  "O3'"  O  N N 154 
DG  "C2'"  C  N N 155 
DG  "C1'"  C  N R 156 
DG  N9     N  Y N 157 
DG  C8     C  Y N 158 
DG  N7     N  Y N 159 
DG  C5     C  Y N 160 
DG  C6     C  N N 161 
DG  O6     O  N N 162 
DG  N1     N  N N 163 
DG  C2     C  N N 164 
DG  N2     N  N N 165 
DG  N3     N  N N 166 
DG  C4     C  Y N 167 
DG  HOP3   H  N N 168 
DG  HOP2   H  N N 169 
DG  "H5'"  H  N N 170 
DG  "H5''" H  N N 171 
DG  "H4'"  H  N N 172 
DG  "H3'"  H  N N 173 
DG  "HO3'" H  N N 174 
DG  "H2'"  H  N N 175 
DG  "H2''" H  N N 176 
DG  "H1'"  H  N N 177 
DG  H8     H  N N 178 
DG  H1     H  N N 179 
DG  H21    H  N N 180 
DG  H22    H  N N 181 
DT  OP3    O  N N 182 
DT  P      P  N N 183 
DT  OP1    O  N N 184 
DT  OP2    O  N N 185 
DT  "O5'"  O  N N 186 
DT  "C5'"  C  N N 187 
DT  "C4'"  C  N R 188 
DT  "O4'"  O  N N 189 
DT  "C3'"  C  N S 190 
DT  "O3'"  O  N N 191 
DT  "C2'"  C  N N 192 
DT  "C1'"  C  N R 193 
DT  N1     N  N N 194 
DT  C2     C  N N 195 
DT  O2     O  N N 196 
DT  N3     N  N N 197 
DT  C4     C  N N 198 
DT  O4     O  N N 199 
DT  C5     C  N N 200 
DT  C7     C  N N 201 
DT  C6     C  N N 202 
DT  HOP3   H  N N 203 
DT  HOP2   H  N N 204 
DT  "H5'"  H  N N 205 
DT  "H5''" H  N N 206 
DT  "H4'"  H  N N 207 
DT  "H3'"  H  N N 208 
DT  "HO3'" H  N N 209 
DT  "H2'"  H  N N 210 
DT  "H2''" H  N N 211 
DT  "H1'"  H  N N 212 
DT  H3     H  N N 213 
DT  H71    H  N N 214 
DT  H72    H  N N 215 
DT  H73    H  N N 216 
DT  H6     H  N N 217 
HOH O      O  N N 218 
HOH H1     H  N N 219 
HOH H2     H  N N 220 
NA  NA     NA N N 221 
# 
loop_
_chem_comp_bond.comp_id 
_chem_comp_bond.atom_id_1 
_chem_comp_bond.atom_id_2 
_chem_comp_bond.value_order 
_chem_comp_bond.pdbx_aromatic_flag 
_chem_comp_bond.pdbx_stereo_config 
_chem_comp_bond.pdbx_ordinal 
AN9 O19   C18    doub N N 1   
AN9 C18   C20    sing N N 2   
AN9 C18   N17    sing N N 3   
AN9 C20   C23    sing N N 4   
AN9 C20   H201   sing N N 5   
AN9 C20   H202   sing N N 6   
AN9 N17   C14    sing N N 7   
AN9 N17   H17    sing N N 8   
AN9 C14   C13    doub Y N 9   
AN9 C14   C3     sing Y N 10  
AN9 C13   C12    sing Y N 11  
AN9 C13   H13    sing N N 12  
AN9 C12   C37    doub Y N 13  
AN9 C12   H12    sing N N 14  
AN9 C3    C2     doub Y N 15  
AN9 C3    C4     sing N N 16  
AN9 C2    C37    sing Y N 17  
AN9 C2    C1     sing N N 18  
AN9 C37   H37    sing N N 19  
AN9 C1    O15    doub N N 20  
AN9 C1    C6     sing N N 21  
AN9 C6    C11    doub Y N 22  
AN9 C6    C7     sing Y N 23  
AN9 C11   C10    sing Y N 24  
AN9 C11   C4     sing N N 25  
AN9 C10   C9     doub Y N 26  
AN9 C10   H10    sing N N 27  
AN9 C4    O16    doub N N 28  
AN9 C7    N27    sing N N 29  
AN9 C7    C8     doub Y N 30  
AN9 N27   C5     sing N N 31  
AN9 N27   H27    sing N N 32  
AN9 C8    C9     sing Y N 33  
AN9 C8    H8     sing N N 34  
AN9 C9    H9     sing N N 35  
AN9 C5    O1     doub N N 36  
AN9 C5    C15    sing N N 37  
AN9 C15   C16    sing N N 38  
AN9 C15   H151   sing N N 39  
AN9 C15   H152   sing N N 40  
AN9 C16   N1     sing N N 41  
AN9 C16   H161   sing N N 42  
AN9 C16   H162   sing N N 43  
AN9 N1    C17    sing N N 44  
AN9 N1    C21    sing N N 45  
AN9 C17   C19    sing N N 46  
AN9 C17   H171   sing N N 47  
AN9 C17   H172   sing N N 48  
AN9 C19   H191   sing N N 49  
AN9 C19   H192   sing N N 50  
AN9 C19   H193   sing N N 51  
AN9 C21   C22    sing N N 52  
AN9 C21   H211   sing N N 53  
AN9 C21   H212   sing N N 54  
AN9 C22   H221   sing N N 55  
AN9 C22   H222   sing N N 56  
AN9 C22   H223   sing N N 57  
AN9 C23   N2     sing N N 58  
AN9 C23   H231   sing N N 59  
AN9 C23   H232   sing N N 60  
AN9 N2    C24    sing N N 61  
AN9 N2    C26    sing N N 62  
AN9 C24   C25    sing N N 63  
AN9 C24   H241   sing N N 64  
AN9 C24   H242   sing N N 65  
AN9 C25   H251   sing N N 66  
AN9 C25   H252   sing N N 67  
AN9 C25   H253   sing N N 68  
AN9 C26   C27    sing N N 69  
AN9 C26   H261   sing N N 70  
AN9 C26   H262   sing N N 71  
AN9 C27   H271   sing N N 72  
AN9 C27   H272   sing N N 73  
AN9 C27   H273   sing N N 74  
DA  OP3   P      sing N N 75  
DA  OP3   HOP3   sing N N 76  
DA  P     OP1    doub N N 77  
DA  P     OP2    sing N N 78  
DA  P     "O5'"  sing N N 79  
DA  OP2   HOP2   sing N N 80  
DA  "O5'" "C5'"  sing N N 81  
DA  "C5'" "C4'"  sing N N 82  
DA  "C5'" "H5'"  sing N N 83  
DA  "C5'" "H5''" sing N N 84  
DA  "C4'" "O4'"  sing N N 85  
DA  "C4'" "C3'"  sing N N 86  
DA  "C4'" "H4'"  sing N N 87  
DA  "O4'" "C1'"  sing N N 88  
DA  "C3'" "O3'"  sing N N 89  
DA  "C3'" "C2'"  sing N N 90  
DA  "C3'" "H3'"  sing N N 91  
DA  "O3'" "HO3'" sing N N 92  
DA  "C2'" "C1'"  sing N N 93  
DA  "C2'" "H2'"  sing N N 94  
DA  "C2'" "H2''" sing N N 95  
DA  "C1'" N9     sing N N 96  
DA  "C1'" "H1'"  sing N N 97  
DA  N9    C8     sing Y N 98  
DA  N9    C4     sing Y N 99  
DA  C8    N7     doub Y N 100 
DA  C8    H8     sing N N 101 
DA  N7    C5     sing Y N 102 
DA  C5    C6     sing Y N 103 
DA  C5    C4     doub Y N 104 
DA  C6    N6     sing N N 105 
DA  C6    N1     doub Y N 106 
DA  N6    H61    sing N N 107 
DA  N6    H62    sing N N 108 
DA  N1    C2     sing Y N 109 
DA  C2    N3     doub Y N 110 
DA  C2    H2     sing N N 111 
DA  N3    C4     sing Y N 112 
DC  OP3   P      sing N N 113 
DC  OP3   HOP3   sing N N 114 
DC  P     OP1    doub N N 115 
DC  P     OP2    sing N N 116 
DC  P     "O5'"  sing N N 117 
DC  OP2   HOP2   sing N N 118 
DC  "O5'" "C5'"  sing N N 119 
DC  "C5'" "C4'"  sing N N 120 
DC  "C5'" "H5'"  sing N N 121 
DC  "C5'" "H5''" sing N N 122 
DC  "C4'" "O4'"  sing N N 123 
DC  "C4'" "C3'"  sing N N 124 
DC  "C4'" "H4'"  sing N N 125 
DC  "O4'" "C1'"  sing N N 126 
DC  "C3'" "O3'"  sing N N 127 
DC  "C3'" "C2'"  sing N N 128 
DC  "C3'" "H3'"  sing N N 129 
DC  "O3'" "HO3'" sing N N 130 
DC  "C2'" "C1'"  sing N N 131 
DC  "C2'" "H2'"  sing N N 132 
DC  "C2'" "H2''" sing N N 133 
DC  "C1'" N1     sing N N 134 
DC  "C1'" "H1'"  sing N N 135 
DC  N1    C2     sing N N 136 
DC  N1    C6     sing N N 137 
DC  C2    O2     doub N N 138 
DC  C2    N3     sing N N 139 
DC  N3    C4     doub N N 140 
DC  C4    N4     sing N N 141 
DC  C4    C5     sing N N 142 
DC  N4    H41    sing N N 143 
DC  N4    H42    sing N N 144 
DC  C5    C6     doub N N 145 
DC  C5    H5     sing N N 146 
DC  C6    H6     sing N N 147 
DG  OP3   P      sing N N 148 
DG  OP3   HOP3   sing N N 149 
DG  P     OP1    doub N N 150 
DG  P     OP2    sing N N 151 
DG  P     "O5'"  sing N N 152 
DG  OP2   HOP2   sing N N 153 
DG  "O5'" "C5'"  sing N N 154 
DG  "C5'" "C4'"  sing N N 155 
DG  "C5'" "H5'"  sing N N 156 
DG  "C5'" "H5''" sing N N 157 
DG  "C4'" "O4'"  sing N N 158 
DG  "C4'" "C3'"  sing N N 159 
DG  "C4'" "H4'"  sing N N 160 
DG  "O4'" "C1'"  sing N N 161 
DG  "C3'" "O3'"  sing N N 162 
DG  "C3'" "C2'"  sing N N 163 
DG  "C3'" "H3'"  sing N N 164 
DG  "O3'" "HO3'" sing N N 165 
DG  "C2'" "C1'"  sing N N 166 
DG  "C2'" "H2'"  sing N N 167 
DG  "C2'" "H2''" sing N N 168 
DG  "C1'" N9     sing N N 169 
DG  "C1'" "H1'"  sing N N 170 
DG  N9    C8     sing Y N 171 
DG  N9    C4     sing Y N 172 
DG  C8    N7     doub Y N 173 
DG  C8    H8     sing N N 174 
DG  N7    C5     sing Y N 175 
DG  C5    C6     sing N N 176 
DG  C5    C4     doub Y N 177 
DG  C6    O6     doub N N 178 
DG  C6    N1     sing N N 179 
DG  N1    C2     sing N N 180 
DG  N1    H1     sing N N 181 
DG  C2    N2     sing N N 182 
DG  C2    N3     doub N N 183 
DG  N2    H21    sing N N 184 
DG  N2    H22    sing N N 185 
DG  N3    C4     sing N N 186 
DT  OP3   P      sing N N 187 
DT  OP3   HOP3   sing N N 188 
DT  P     OP1    doub N N 189 
DT  P     OP2    sing N N 190 
DT  P     "O5'"  sing N N 191 
DT  OP2   HOP2   sing N N 192 
DT  "O5'" "C5'"  sing N N 193 
DT  "C5'" "C4'"  sing N N 194 
DT  "C5'" "H5'"  sing N N 195 
DT  "C5'" "H5''" sing N N 196 
DT  "C4'" "O4'"  sing N N 197 
DT  "C4'" "C3'"  sing N N 198 
DT  "C4'" "H4'"  sing N N 199 
DT  "O4'" "C1'"  sing N N 200 
DT  "C3'" "O3'"  sing N N 201 
DT  "C3'" "C2'"  sing N N 202 
DT  "C3'" "H3'"  sing N N 203 
DT  "O3'" "HO3'" sing N N 204 
DT  "C2'" "C1'"  sing N N 205 
DT  "C2'" "H2'"  sing N N 206 
DT  "C2'" "H2''" sing N N 207 
DT  "C1'" N1     sing N N 208 
DT  "C1'" "H1'"  sing N N 209 
DT  N1    C2     sing N N 210 
DT  N1    C6     sing N N 211 
DT  C2    O2     doub N N 212 
DT  C2    N3     sing N N 213 
DT  N3    C4     sing N N 214 
DT  N3    H3     sing N N 215 
DT  C4    O4     doub N N 216 
DT  C4    C5     sing N N 217 
DT  C5    C7     sing N N 218 
DT  C5    C6     doub N N 219 
DT  C7    H71    sing N N 220 
DT  C7    H72    sing N N 221 
DT  C7    H73    sing N N 222 
DT  C6    H6     sing N N 223 
HOH O     H1     sing N N 224 
HOH O     H2     sing N N 225 
# 
_ndb_struct_conf_na.entry_id   1XCU 
_ndb_struct_conf_na.feature    'double helix' 
# 
loop_
_ndb_struct_na_base_pair.model_number 
_ndb_struct_na_base_pair.i_label_asym_id 
_ndb_struct_na_base_pair.i_label_comp_id 
_ndb_struct_na_base_pair.i_label_seq_id 
_ndb_struct_na_base_pair.i_symmetry 
_ndb_struct_na_base_pair.j_label_asym_id 
_ndb_struct_na_base_pair.j_label_comp_id 
_ndb_struct_na_base_pair.j_label_seq_id 
_ndb_struct_na_base_pair.j_symmetry 
_ndb_struct_na_base_pair.shear 
_ndb_struct_na_base_pair.stretch 
_ndb_struct_na_base_pair.stagger 
_ndb_struct_na_base_pair.buckle 
_ndb_struct_na_base_pair.propeller 
_ndb_struct_na_base_pair.opening 
_ndb_struct_na_base_pair.pair_number 
_ndb_struct_na_base_pair.pair_name 
_ndb_struct_na_base_pair.i_auth_asym_id 
_ndb_struct_na_base_pair.i_auth_seq_id 
_ndb_struct_na_base_pair.i_PDB_ins_code 
_ndb_struct_na_base_pair.j_auth_asym_id 
_ndb_struct_na_base_pair.j_auth_seq_id 
_ndb_struct_na_base_pair.j_PDB_ins_code 
_ndb_struct_na_base_pair.hbond_type_28 
_ndb_struct_na_base_pair.hbond_type_12 
1 A DG 2 1_555 B DC 5 1_555 -0.279 -0.137 -0.152 -11.368 5.416  2.367  1 A_DG2:DC11_B A 2 ? B 11 ? 19 1 
1 A DT 3 1_555 B DA 4 1_555 -0.080 -0.030 0.331  -0.242  -1.299 2.006  2 A_DT3:DA10_B A 3 ? B 10 ? 20 1 
1 A DA 4 1_555 B DT 3 1_555 0.185  -0.140 -0.139 -1.126  1.961  -4.520 3 A_DA4:DT9_B  A 4 ? B 9  ? 20 1 
1 A DC 5 1_555 B DG 2 1_555 0.283  -0.288 -0.100 16.107  -1.399 -0.196 4 A_DC5:DG8_B  A 5 ? B 8  ? 19 1 
# 
loop_
_ndb_struct_na_base_pair_step.model_number 
_ndb_struct_na_base_pair_step.i_label_asym_id_1 
_ndb_struct_na_base_pair_step.i_label_comp_id_1 
_ndb_struct_na_base_pair_step.i_label_seq_id_1 
_ndb_struct_na_base_pair_step.i_symmetry_1 
_ndb_struct_na_base_pair_step.j_label_asym_id_1 
_ndb_struct_na_base_pair_step.j_label_comp_id_1 
_ndb_struct_na_base_pair_step.j_label_seq_id_1 
_ndb_struct_na_base_pair_step.j_symmetry_1 
_ndb_struct_na_base_pair_step.i_label_asym_id_2 
_ndb_struct_na_base_pair_step.i_label_comp_id_2 
_ndb_struct_na_base_pair_step.i_label_seq_id_2 
_ndb_struct_na_base_pair_step.i_symmetry_2 
_ndb_struct_na_base_pair_step.j_label_asym_id_2 
_ndb_struct_na_base_pair_step.j_label_comp_id_2 
_ndb_struct_na_base_pair_step.j_label_seq_id_2 
_ndb_struct_na_base_pair_step.j_symmetry_2 
_ndb_struct_na_base_pair_step.shift 
_ndb_struct_na_base_pair_step.slide 
_ndb_struct_na_base_pair_step.rise 
_ndb_struct_na_base_pair_step.tilt 
_ndb_struct_na_base_pair_step.roll 
_ndb_struct_na_base_pair_step.twist 
_ndb_struct_na_base_pair_step.x_displacement 
_ndb_struct_na_base_pair_step.y_displacement 
_ndb_struct_na_base_pair_step.helical_rise 
_ndb_struct_na_base_pair_step.inclination 
_ndb_struct_na_base_pair_step.tip 
_ndb_struct_na_base_pair_step.helical_twist 
_ndb_struct_na_base_pair_step.step_number 
_ndb_struct_na_base_pair_step.step_name 
_ndb_struct_na_base_pair_step.i_auth_asym_id_1 
_ndb_struct_na_base_pair_step.i_auth_seq_id_1 
_ndb_struct_na_base_pair_step.i_PDB_ins_code_1 
_ndb_struct_na_base_pair_step.j_auth_asym_id_1 
_ndb_struct_na_base_pair_step.j_auth_seq_id_1 
_ndb_struct_na_base_pair_step.j_PDB_ins_code_1 
_ndb_struct_na_base_pair_step.i_auth_asym_id_2 
_ndb_struct_na_base_pair_step.i_auth_seq_id_2 
_ndb_struct_na_base_pair_step.i_PDB_ins_code_2 
_ndb_struct_na_base_pair_step.j_auth_asym_id_2 
_ndb_struct_na_base_pair_step.j_auth_seq_id_2 
_ndb_struct_na_base_pair_step.j_PDB_ins_code_2 
1 A DG 2 1_555 B DC 5 1_555 A DT 3 1_555 B DA 4 1_555 -0.134 -0.491 3.153 -4.189 2.860 24.417 -1.959 -0.892 3.056 6.670 9.769  
24.931 1 AA_DG2DT3:DA10DC11_BB A 2 ? B 11 ? A 3 ? B 10 ? 
1 A DT 3 1_555 B DA 4 1_555 A DA 4 1_555 B DT 3 1_555 -0.051 -0.523 3.211 3.835  0.428 39.130 -0.828 0.522  3.186 0.637 -5.708 
39.312 2 AA_DT3DA4:DT9DA10_BB  A 3 ? B 10 ? A 4 ? B 9  ? 
1 A DA 4 1_555 B DT 3 1_555 A DC 5 1_555 B DG 2 1_555 0.858  -0.644 2.961 -2.640 4.291 27.250 -2.256 -2.352 2.736 9.011 5.544  
27.704 3 AA_DA4DC5:DG8DT9_BB   A 4 ? B 9  ? A 5 ? B 8  ? 
# 
_atom_sites.entry_id                    1XCU 
_atom_sites.Cartn_transform_axes        ? 
_atom_sites.fract_transf_matrix[1][1]   -0.03250102 
_atom_sites.fract_transf_matrix[1][2]   0.00972653 
_atom_sites.fract_transf_matrix[1][3]   0.00579132 
_atom_sites.fract_transf_matrix[2][1]   -0.00240777 
_atom_sites.fract_transf_matrix[2][2]   -0.01486476 
_atom_sites.fract_transf_matrix[2][3]   0.01145295 
_atom_sites.fract_transf_matrix[3][1]   0.00756674 
_atom_sites.fract_transf_matrix[3][2]   0.01372809 
_atom_sites.fract_transf_matrix[3][3]   0.01940842 
_atom_sites.fract_transf_vector[1]      0.619033 
_atom_sites.fract_transf_vector[2]      0.121041 
_atom_sites.fract_transf_vector[3]      0.245958 
# 
loop_
_atom_type.symbol 
BA 
C  
CO 
N  
NA 
O  
P  
# 
loop_
_atom_site.group_PDB 
_atom_site.id 
_atom_site.type_symbol 
_atom_site.label_atom_id 
_atom_site.label_alt_id 
_atom_site.label_comp_id 
_atom_site.label_asym_id 
_atom_site.label_entity_id 
_atom_site.label_seq_id 
_atom_site.pdbx_PDB_ins_code 
_atom_site.Cartn_x 
_atom_site.Cartn_y 
_atom_site.Cartn_z 
_atom_site.occupancy 
_atom_site.B_iso_or_equiv 
_atom_site.pdbx_formal_charge 
_atom_site.auth_seq_id 
_atom_site.auth_comp_id 
_atom_site.auth_asym_id 
_atom_site.auth_atom_id 
_atom_site.pdbx_PDB_model_num 
ATOM   1   O  "O3'" . DC  A 1 1 ? 2.977   -5.899  10.149  1.00 60.37 ? 1  DC  A "O3'" 1 
ATOM   2   P  P     . DG  A 1 2 ? 2.364   -7.256  10.733  1.00 60.35 ? 2  DG  A P     1 
ATOM   3   O  OP1   . DG  A 1 2 ? 1.076   -6.897  11.378  1.00 58.32 ? 2  DG  A OP1   1 
ATOM   4   O  OP2   . DG  A 1 2 ? 3.437   -7.961  11.468  1.00 61.15 ? 2  DG  A OP2   1 
ATOM   5   O  "O5'" . DG  A 1 2 ? 2.150   -8.042  9.361   1.00 55.39 ? 2  DG  A "O5'" 1 
ATOM   6   C  "C5'" . DG  A 1 2 ? 1.561   -9.320  9.330   1.00 49.43 ? 2  DG  A "C5'" 1 
ATOM   7   C  "C4'" . DG  A 1 2 ? 1.606   -9.814  7.890   1.00 43.93 ? 2  DG  A "C4'" 1 
ATOM   8   O  "O4'" . DG  A 1 2 ? 0.662   -9.044  7.139   1.00 40.57 ? 2  DG  A "O4'" 1 
ATOM   9   C  "C3'" . DG  A 1 2 ? 2.912   -9.609  7.140   1.00 42.88 ? 2  DG  A "C3'" 1 
ATOM   10  O  "O3'" . DG  A 1 2 ? 3.044   -10.703 6.300   1.00 46.06 ? 2  DG  A "O3'" 1 
ATOM   11  C  "C2'" . DG  A 1 2 ? 2.733   -8.317  6.331   1.00 39.23 ? 2  DG  A "C2'" 1 
ATOM   12  C  "C1'" . DG  A 1 2 ? 1.240   -8.362  6.046   1.00 36.63 ? 2  DG  A "C1'" 1 
ATOM   13  N  N9    . DG  A 1 2 ? 0.552   -7.086  6.118   1.00 36.26 ? 2  DG  A N9    1 
ATOM   14  C  C8    . DG  A 1 2 ? 0.662   -6.229  7.191   1.00 36.87 ? 2  DG  A C8    1 
ATOM   15  N  N7    . DG  A 1 2 ? -0.036  -5.163  7.057   1.00 33.58 ? 2  DG  A N7    1 
ATOM   16  C  C5    . DG  A 1 2 ? -0.717  -5.325  5.859   1.00 36.35 ? 2  DG  A C5    1 
ATOM   17  C  C6    . DG  A 1 2 ? -1.656  -4.506  5.198   1.00 35.62 ? 2  DG  A C6    1 
ATOM   18  O  O6    . DG  A 1 2 ? -2.129  -3.394  5.506   1.00 33.82 ? 2  DG  A O6    1 
ATOM   19  N  N1    . DG  A 1 2 ? -2.070  -5.074  3.981   1.00 33.73 ? 2  DG  A N1    1 
ATOM   20  C  C2    . DG  A 1 2 ? -1.633  -6.264  3.455   1.00 36.53 ? 2  DG  A C2    1 
ATOM   21  N  N2    . DG  A 1 2 ? -2.170  -6.669  2.268   1.00 34.80 ? 2  DG  A N2    1 
ATOM   22  N  N3    . DG  A 1 2 ? -0.772  -7.041  4.072   1.00 38.86 ? 2  DG  A N3    1 
ATOM   23  C  C4    . DG  A 1 2 ? -0.361  -6.521  5.265   1.00 36.55 ? 2  DG  A C4    1 
ATOM   24  P  P     . DT  A 1 3 ? 4.428   -10.969 5.546   1.00 51.18 ? 3  DT  A P     1 
ATOM   25  O  OP1   . DT  A 1 3 ? 4.517   -12.435 5.460   1.00 49.93 ? 3  DT  A OP1   1 
ATOM   26  O  OP2   . DT  A 1 3 ? 5.531   -10.127 6.099   1.00 48.46 ? 3  DT  A OP2   1 
ATOM   27  O  "O5'" . DT  A 1 3 ? 4.140   -10.377 4.078   1.00 46.49 ? 3  DT  A "O5'" 1 
ATOM   28  C  "C5'" . DT  A 1 3 ? 3.025   -10.788 3.301   1.00 44.87 ? 3  DT  A "C5'" 1 
ATOM   29  C  "C4'" . DT  A 1 3 ? 2.754   -9.795  2.173   1.00 42.86 ? 3  DT  A "C4'" 1 
ATOM   30  O  "O4'" . DT  A 1 3 ? 2.189   -8.569  2.682   1.00 42.15 ? 3  DT  A "O4'" 1 
ATOM   31  C  "C3'" . DT  A 1 3 ? 3.999   -9.331  1.393   1.00 43.57 ? 3  DT  A "C3'" 1 
ATOM   32  O  "O3'" . DT  A 1 3 ? 3.985   -10.022 0.137   1.00 44.63 ? 3  DT  A "O3'" 1 
ATOM   33  C  "C2'" . DT  A 1 3 ? 3.869   -7.828  1.239   1.00 40.21 ? 3  DT  A "C2'" 1 
ATOM   34  C  "C1'" . DT  A 1 3 ? 2.462   -7.550  1.724   1.00 38.69 ? 3  DT  A "C1'" 1 
ATOM   35  N  N1    . DT  A 1 3 ? 2.197   -6.256  2.417   1.00 36.17 ? 3  DT  A N1    1 
ATOM   36  C  C2    . DT  A 1 3 ? 1.260   -5.407  1.842   1.00 37.29 ? 3  DT  A C2    1 
ATOM   37  O  O2    . DT  A 1 3 ? 0.730   -5.626  0.777   1.00 36.47 ? 3  DT  A O2    1 
ATOM   38  N  N3    . DT  A 1 3 ? 1.016   -4.241  2.503   1.00 36.09 ? 3  DT  A N3    1 
ATOM   39  C  C4    . DT  A 1 3 ? 1.585   -3.868  3.707   1.00 38.32 ? 3  DT  A C4    1 
ATOM   40  O  O4    . DT  A 1 3 ? 1.266   -2.802  4.224   1.00 36.08 ? 3  DT  A O4    1 
ATOM   41  C  C5    . DT  A 1 3 ? 2.542   -4.786  4.280   1.00 38.83 ? 3  DT  A C5    1 
ATOM   42  C  C7    . DT  A 1 3 ? 3.238   -4.459  5.583   1.00 44.28 ? 3  DT  A C7    1 
ATOM   43  C  C6    . DT  A 1 3 ? 2.803   -5.936  3.623   1.00 39.42 ? 3  DT  A C6    1 
ATOM   44  P  P     . DA  A 1 4 ? 4.846   -9.639  -1.144  1.00 45.73 ? 4  DA  A P     1 
ATOM   45  O  OP1   . DA  A 1 4 ? 4.733   -10.839 -2.017  1.00 44.49 ? 4  DA  A OP1   1 
ATOM   46  O  OP2   . DA  A 1 4 ? 6.142   -9.063  -0.707  1.00 42.08 ? 4  DA  A OP2   1 
ATOM   47  O  "O5'" . DA  A 1 4 ? 4.018   -8.477  -1.845  1.00 43.83 ? 4  DA  A "O5'" 1 
ATOM   48  C  "C5'" . DA  A 1 4 ? 2.799   -8.768  -2.537  1.00 44.64 ? 4  DA  A "C5'" 1 
ATOM   49  C  "C4'" . DA  A 1 4 ? 2.330   -7.539  -3.267  1.00 43.46 ? 4  DA  A "C4'" 1 
ATOM   50  O  "O4'" . DA  A 1 4 ? 1.995   -6.509  -2.306  1.00 41.09 ? 4  DA  A "O4'" 1 
ATOM   51  C  "C3'" . DA  A 1 4 ? 3.446   -6.977  -4.141  1.00 43.23 ? 4  DA  A "C3'" 1 
ATOM   52  O  "O3'" . DA  A 1 4 ? 2.892   -6.922  -5.409  1.00 47.24 ? 4  DA  A "O3'" 1 
ATOM   53  C  "C2'" . DA  A 1 4 ? 3.792   -5.598  -3.561  1.00 43.68 ? 4  DA  A "C2'" 1 
ATOM   54  C  "C1'" . DA  A 1 4 ? 2.545   -5.265  -2.741  1.00 41.25 ? 4  DA  A "C1'" 1 
ATOM   55  N  N9    . DA  A 1 4 ? 2.791   -4.434  -1.571  1.00 38.49 ? 4  DA  A N9    1 
ATOM   56  C  C8    . DA  A 1 4 ? 3.656   -4.707  -0.545  1.00 37.79 ? 4  DA  A C8    1 
ATOM   57  N  N7    . DA  A 1 4 ? 3.618   -3.794  0.414   1.00 37.57 ? 4  DA  A N7    1 
ATOM   58  C  C5    . DA  A 1 4 ? 2.686   -2.865  -0.014  1.00 36.65 ? 4  DA  A C5    1 
ATOM   59  C  C6    . DA  A 1 4 ? 2.223   -1.656  0.555   1.00 37.40 ? 4  DA  A C6    1 
ATOM   60  N  N6    . DA  A 1 4 ? 2.686   -1.217  1.714   1.00 37.46 ? 4  DA  A N6    1 
ATOM   61  N  N1    . DA  A 1 4 ? 1.264   -0.950  -0.100  1.00 36.96 ? 4  DA  A N1    1 
ATOM   62  C  C2    . DA  A 1 4 ? 0.811   -1.431  -1.296  1.00 37.91 ? 4  DA  A C2    1 
ATOM   63  N  N3    . DA  A 1 4 ? 1.196   -2.562  -1.928  1.00 35.97 ? 4  DA  A N3    1 
ATOM   64  C  C4    . DA  A 1 4 ? 2.138   -3.240  -1.238  1.00 36.48 ? 4  DA  A C4    1 
ATOM   65  P  P     . DC  A 1 5 ? 3.799   -6.525  -6.663  1.00 50.55 ? 5  DC  A P     1 
ATOM   66  O  OP1   . DC  A 1 5 ? 3.039   -6.951  -7.852  1.00 50.77 ? 5  DC  A OP1   1 
ATOM   67  O  OP2   . DC  A 1 5 ? 5.169   -6.934  -6.337  1.00 48.92 ? 5  DC  A OP2   1 
ATOM   68  O  "O5'" . DC  A 1 5 ? 3.707   -4.958  -6.657  1.00 46.66 ? 5  DC  A "O5'" 1 
ATOM   69  C  "C5'" . DC  A 1 5 ? 2.461   -4.329  -6.792  1.00 42.67 ? 5  DC  A "C5'" 1 
ATOM   70  C  "C4'" . DC  A 1 5 ? 2.715   -2.865  -6.558  1.00 43.77 ? 5  DC  A "C4'" 1 
ATOM   71  O  "O4'" . DC  A 1 5 ? 2.884   -2.648  -5.155  1.00 44.55 ? 5  DC  A "O4'" 1 
ATOM   72  C  "C3'" . DC  A 1 5 ? 3.980   -2.296  -7.224  1.00 44.85 ? 5  DC  A "C3'" 1 
ATOM   73  O  "O3'" . DC  A 1 5 ? 3.579   -1.333  -8.166  1.00 46.49 ? 5  DC  A "O3'" 1 
ATOM   74  C  "C2'" . DC  A 1 5 ? 4.670   -1.548  -6.093  1.00 44.55 ? 5  DC  A "C2'" 1 
ATOM   75  C  "C1'" . DC  A 1 5 ? 3.589   -1.468  -5.024  1.00 42.46 ? 5  DC  A "C1'" 1 
ATOM   76  N  N1    . DC  A 1 5 ? 4.164   -1.361  -3.658  1.00 43.02 ? 5  DC  A N1    1 
ATOM   77  C  C2    . DC  A 1 5 ? 3.726   -0.299  -2.851  1.00 38.67 ? 5  DC  A C2    1 
ATOM   78  O  O2    . DC  A 1 5 ? 2.874   0.456   -3.299  1.00 40.56 ? 5  DC  A O2    1 
ATOM   79  N  N3    . DC  A 1 5 ? 4.232   -0.147  -1.608  1.00 38.07 ? 5  DC  A N3    1 
ATOM   80  C  C4    . DC  A 1 5 ? 5.147   -1.010  -1.165  1.00 38.41 ? 5  DC  A C4    1 
ATOM   81  N  N4    . DC  A 1 5 ? 5.643   -0.819  0.052   1.00 39.56 ? 5  DC  A N4    1 
ATOM   82  C  C5    . DC  A 1 5 ? 5.603   -2.109  -1.965  1.00 41.81 ? 5  DC  A C5    1 
ATOM   83  C  C6    . DC  A 1 5 ? 5.091   -2.256  -3.199  1.00 39.68 ? 5  DC  A C6    1 
ATOM   84  P  P     . DG  A 1 6 ? 4.498   -0.926  -9.416  1.00 52.50 ? 6  DG  A P     1 
ATOM   85  O  OP1   . DG  A 1 6 ? 3.678   -1.203  -10.586 1.00 50.08 ? 6  DG  A OP1   1 
ATOM   86  O  OP2   . DG  A 1 6 ? 5.890   -1.438  -9.338  1.00 50.73 ? 6  DG  A OP2   1 
ATOM   87  O  "O5'" . DG  A 1 6 ? 4.408   0.654   -9.313  1.00 49.48 ? 6  DG  A "O5'" 1 
ATOM   88  C  "C5'" . DG  A 1 6 ? 5.184   1.361   -8.411  1.00 50.14 ? 6  DG  A "C5'" 1 
ATOM   89  C  "C4'" . DG  A 1 6 ? 5.398   2.761   -8.968  1.00 47.04 ? 6  DG  A "C4'" 1 
ATOM   90  O  "O4'" . DG  A 1 6 ? 6.284   3.376   -8.018  1.00 47.45 ? 6  DG  A "O4'" 1 
ATOM   91  C  "C3'" . DG  A 1 6 ? 6.108   2.767   -10.325 1.00 47.24 ? 6  DG  A "C3'" 1 
ATOM   92  O  "O3'" . DG  A 1 6 ? 5.243   3.190   -11.393 1.00 45.70 ? 6  DG  A "O3'" 1 
ATOM   93  C  "C2'" . DG  A 1 6 ? 7.315   3.687   -10.138 1.00 44.42 ? 6  DG  A "C2'" 1 
ATOM   94  C  "C1'" . DG  A 1 6 ? 7.512   3.706   -8.617  1.00 46.68 ? 6  DG  A "C1'" 1 
ATOM   95  N  N9    . DG  A 1 6 ? 8.421   2.738   -8.017  1.00 44.43 ? 6  DG  A N9    1 
ATOM   96  C  C8    . DG  A 1 6 ? 8.991   1.629   -8.588  1.00 45.42 ? 6  DG  A C8    1 
ATOM   97  N  N7    . DG  A 1 6 ? 9.752   0.961   -7.755  1.00 43.13 ? 6  DG  A N7    1 
ATOM   98  C  C5    . DG  A 1 6 ? 9.646   1.662   -6.561  1.00 43.07 ? 6  DG  A C5    1 
ATOM   99  C  C6    . DG  A 1 6 ? 10.264  1.426   -5.312  1.00 44.41 ? 6  DG  A C6    1 
ATOM   100 O  O6    . DG  A 1 6 ? 11.030  0.489   -4.998  1.00 44.23 ? 6  DG  A O6    1 
ATOM   101 N  N1    . DG  A 1 6 ? 9.899   2.402   -4.375  1.00 41.51 ? 6  DG  A N1    1 
ATOM   102 C  C2    . DG  A 1 6 ? 9.058   3.455   -4.603  1.00 42.34 ? 6  DG  A C2    1 
ATOM   103 N  N2    . DG  A 1 6 ? 8.842   4.284   -3.562  1.00 39.85 ? 6  DG  A N2    1 
ATOM   104 N  N3    . DG  A 1 6 ? 8.495   3.704   -5.785  1.00 41.82 ? 6  DG  A N3    1 
ATOM   105 C  C4    . DG  A 1 6 ? 8.824   2.756   -6.702  1.00 42.90 ? 6  DG  A C4    1 
ATOM   106 O  "O5'" . DC  B 1 1 ? -1.446  9.845   7.239   1.00 61.34 ? 7  DC  B "O5'" 1 
ATOM   107 C  "C5'" . DC  B 1 1 ? -0.282  9.254   7.759   1.00 58.34 ? 7  DC  B "C5'" 1 
ATOM   108 C  "C4'" . DC  B 1 1 ? 0.976   10.028  7.366   1.00 57.86 ? 7  DC  B "C4'" 1 
ATOM   109 O  "O4'" . DC  B 1 1 ? 1.093   11.295  8.095   1.00 55.13 ? 7  DC  B "O4'" 1 
ATOM   110 C  "C3'" . DC  B 1 1 ? 2.232   9.244   7.720   1.00 55.26 ? 7  DC  B "C3'" 1 
ATOM   111 O  "O3'" . DC  B 1 1 ? 3.240   9.417   6.763   1.00 54.18 ? 7  DC  B "O3'" 1 
ATOM   112 C  "C2'" . DC  B 1 1 ? 2.640   9.795   9.079   1.00 54.60 ? 7  DC  B "C2'" 1 
ATOM   113 C  "C1'" . DC  B 1 1 ? 2.262   11.258  8.906   1.00 51.49 ? 7  DC  B "C1'" 1 
ATOM   114 N  N1    . DC  B 1 1 ? 1.955   12.026  10.135  1.00 50.72 ? 7  DC  B N1    1 
ATOM   115 C  C2    . DC  B 1 1 ? 2.748   13.153  10.425  1.00 49.94 ? 7  DC  B C2    1 
ATOM   116 O  O2    . DC  B 1 1 ? 3.705   13.415  9.684   1.00 48.54 ? 7  DC  B O2    1 
ATOM   117 N  N3    . DC  B 1 1 ? 2.462   13.892  11.539  1.00 46.97 ? 7  DC  B N3    1 
ATOM   118 C  C4    . DC  B 1 1 ? 1.419   13.570  12.327  1.00 47.22 ? 7  DC  B C4    1 
ATOM   119 N  N4    . DC  B 1 1 ? 1.180   14.347  13.406  1.00 46.38 ? 7  DC  B N4    1 
ATOM   120 C  C5    . DC  B 1 1 ? 0.584   12.440  12.036  1.00 49.18 ? 7  DC  B C5    1 
ATOM   121 C  C6    . DC  B 1 1 ? 0.881   11.706  10.944  1.00 49.78 ? 7  DC  B C6    1 
ATOM   122 P  P     . DG  B 1 2 ? 3.646   8.134   5.877   1.00 56.41 ? 8  DG  B P     1 
ATOM   123 O  OP1   . DG  B 1 2 ? 3.657   6.939   6.762   1.00 57.24 ? 8  DG  B OP1   1 
ATOM   124 O  OP2   . DG  B 1 2 ? 4.840   8.440   5.071   1.00 57.79 ? 8  DG  B OP2   1 
ATOM   125 O  "O5'" . DG  B 1 2 ? 2.352   8.089   4.950   1.00 51.60 ? 8  DG  B "O5'" 1 
ATOM   126 C  "C5'" . DG  B 1 2 ? 2.130   9.128   4.004   1.00 48.53 ? 8  DG  B "C5'" 1 
ATOM   127 C  "C4'" . DG  B 1 2 ? 1.739   8.599   2.644   1.00 47.18 ? 8  DG  B "C4'" 1 
ATOM   128 O  "O4'" . DG  B 1 2 ? 2.849   7.962   1.956   1.00 47.51 ? 8  DG  B "O4'" 1 
ATOM   129 C  "C3'" . DG  B 1 2 ? 0.683   7.515   2.744   1.00 46.01 ? 8  DG  B "C3'" 1 
ATOM   130 O  "O3'" . DG  B 1 2 ? -0.522  8.213   2.890   1.00 47.99 ? 8  DG  B "O3'" 1 
ATOM   131 C  "C2'" . DG  B 1 2 ? 0.834   6.816   1.407   1.00 43.76 ? 8  DG  B "C2'" 1 
ATOM   132 C  "C1'" . DG  B 1 2 ? 2.329   6.902   1.136   1.00 45.15 ? 8  DG  B "C1'" 1 
ATOM   133 N  N9    . DG  B 1 2 ? 3.044   5.651   1.413   1.00 42.66 ? 8  DG  B N9    1 
ATOM   134 C  C8    . DG  B 1 2 ? 3.865   5.451   2.486   1.00 43.20 ? 8  DG  B C8    1 
ATOM   135 N  N7    . DG  B 1 2 ? 4.405   4.278   2.506   1.00 45.64 ? 8  DG  B N7    1 
ATOM   136 C  C5    . DG  B 1 2 ? 3.897   3.658   1.370   1.00 43.49 ? 8  DG  B C5    1 
ATOM   137 C  C6    . DG  B 1 2 ? 4.135   2.361   0.874   1.00 43.26 ? 8  DG  B C6    1 
ATOM   138 O  O6    . DG  B 1 2 ? 4.851   1.489   1.390   1.00 40.62 ? 8  DG  B O6    1 
ATOM   139 N  N1    . DG  B 1 2 ? 3.447   2.128   -0.328  1.00 40.22 ? 8  DG  B N1    1 
ATOM   140 C  C2    . DG  B 1 2 ? 2.630   3.034   -0.951  1.00 40.83 ? 8  DG  B C2    1 
ATOM   141 N  N2    . DG  B 1 2 ? 2.035   2.635   -2.094  1.00 41.33 ? 8  DG  B N2    1 
ATOM   142 N  N3    . DG  B 1 2 ? 2.400   4.252   -0.481  1.00 41.35 ? 8  DG  B N3    1 
ATOM   143 C  C4    . DG  B 1 2 ? 3.052   4.486   0.686   1.00 41.17 ? 8  DG  B C4    1 
ATOM   144 P  P     . DT  B 1 3 ? -1.893  7.559   3.370   1.00 49.09 ? 9  DT  B P     1 
ATOM   145 O  OP1   . DT  B 1 3 ? -2.840  8.692   3.518   1.00 45.99 ? 9  DT  B OP1   1 
ATOM   146 O  OP2   . DT  B 1 3 ? -1.598  6.594   4.462   1.00 46.05 ? 9  DT  B OP2   1 
ATOM   147 O  "O5'" . DT  B 1 3 ? -2.362  6.763   2.053   1.00 44.43 ? 9  DT  B "O5'" 1 
ATOM   148 C  "C5'" . DT  B 1 3 ? -2.687  7.418   0.819   1.00 43.89 ? 9  DT  B "C5'" 1 
ATOM   149 C  "C4'" . DT  B 1 3 ? -3.070  6.329   -0.181  1.00 44.11 ? 9  DT  B "C4'" 1 
ATOM   150 O  "O4'" . DT  B 1 3 ? -1.947  5.389   -0.307  1.00 43.04 ? 9  DT  B "O4'" 1 
ATOM   151 C  "C3'" . DT  B 1 3 ? -4.247  5.441   0.220   1.00 44.17 ? 9  DT  B "C3'" 1 
ATOM   152 O  "O3'" . DT  B 1 3 ? -4.929  5.086   -0.965  1.00 46.14 ? 9  DT  B "O3'" 1 
ATOM   153 C  "C2'" . DT  B 1 3 ? -3.576  4.216   0.849   1.00 44.62 ? 9  DT  B "C2'" 1 
ATOM   154 C  "C1'" . DT  B 1 3 ? -2.343  4.049   -0.027  1.00 41.44 ? 9  DT  B "C1'" 1 
ATOM   155 N  N1    . DT  B 1 3 ? -1.252  3.300   0.647   1.00 42.83 ? 9  DT  B N1    1 
ATOM   156 C  C2    . DT  B 1 3 ? -0.759  2.124   0.100   1.00 40.63 ? 9  DT  B C2    1 
ATOM   157 O  O2    . DT  B 1 3 ? -1.173  1.649   -0.917  1.00 40.10 ? 9  DT  B O2    1 
ATOM   158 N  N3    . DT  B 1 3 ? 0.236   1.511   0.825   1.00 39.19 ? 9  DT  B N3    1 
ATOM   159 C  C4    . DT  B 1 3 ? 0.793   1.916   2.006   1.00 37.88 ? 9  DT  B C4    1 
ATOM   160 O  O4    . DT  B 1 3 ? 1.695   1.233   2.542   1.00 39.76 ? 9  DT  B O4    1 
ATOM   161 C  C5    . DT  B 1 3 ? 0.221   3.151   2.541   1.00 39.82 ? 9  DT  B C5    1 
ATOM   162 C  C7    . DT  B 1 3 ? 0.690   3.790   3.826   1.00 43.00 ? 9  DT  B C7    1 
ATOM   163 C  C6    . DT  B 1 3 ? -0.736  3.755   1.853   1.00 43.35 ? 9  DT  B C6    1 
ATOM   164 P  P     . DA  B 1 4 ? -6.323  4.272   -1.004  1.00 49.56 ? 10 DA  B P     1 
ATOM   165 O  OP1   . DA  B 1 4 ? -7.002  4.821   -2.175  1.00 43.79 ? 10 DA  B OP1   1 
ATOM   166 O  OP2   . DA  B 1 4 ? -6.925  4.155   0.330   1.00 45.06 ? 10 DA  B OP2   1 
ATOM   167 O  "O5'" . DA  B 1 4 ? -5.773  2.811   -1.372  1.00 45.42 ? 10 DA  B "O5'" 1 
ATOM   168 C  "C5'" . DA  B 1 4 ? -5.186  2.675   -2.656  1.00 44.01 ? 10 DA  B "C5'" 1 
ATOM   169 C  "C4'" . DA  B 1 4 ? -5.159  1.233   -3.104  1.00 42.62 ? 10 DA  B "C4'" 1 
ATOM   170 O  "O4'" . DA  B 1 4 ? -4.061  0.576   -2.439  1.00 42.02 ? 10 DA  B "O4'" 1 
ATOM   171 C  "C3'" . DA  B 1 4 ? -6.415  0.433   -2.768  1.00 42.36 ? 10 DA  B "C3'" 1 
ATOM   172 O  "O3'" . DA  B 1 4 ? -6.688  -0.419  -3.881  1.00 46.23 ? 10 DA  B "O3'" 1 
ATOM   173 C  "C2'" . DA  B 1 4 ? -6.048  -0.340  -1.499  1.00 38.23 ? 10 DA  B "C2'" 1 
ATOM   174 C  "C1'" . DA  B 1 4 ? -4.541  -0.493  -1.657  1.00 38.25 ? 10 DA  B "C1'" 1 
ATOM   175 N  N9    . DA  B 1 4 ? -3.822  -0.344  -0.409  1.00 34.13 ? 10 DA  B N9    1 
ATOM   176 C  C8    . DA  B 1 4 ? -3.897  0.702   0.473   1.00 36.72 ? 10 DA  B C8    1 
ATOM   177 N  N7    . DA  B 1 4 ? -3.126  0.550   1.503   1.00 36.80 ? 10 DA  B N7    1 
ATOM   178 C  C5    . DA  B 1 4 ? -2.493  -0.661  1.276   1.00 34.59 ? 10 DA  B C5    1 
ATOM   179 C  C6    . DA  B 1 4 ? -1.548  -1.400  1.990   1.00 35.29 ? 10 DA  B C6    1 
ATOM   180 N  N6    . DA  B 1 4 ? -1.013  -1.031  3.159   1.00 39.93 ? 10 DA  B N6    1 
ATOM   181 N  N1    . DA  B 1 4 ? -1.164  -2.587  1.471   1.00 34.78 ? 10 DA  B N1    1 
ATOM   182 C  C2    . DA  B 1 4 ? -1.667  -3.013  0.287   1.00 32.26 ? 10 DA  B C2    1 
ATOM   183 N  N3    . DA  B 1 4 ? -2.537  -2.387  -0.494  1.00 33.26 ? 10 DA  B N3    1 
ATOM   184 C  C4    . DA  B 1 4 ? -2.909  -1.213  0.076   1.00 31.77 ? 10 DA  B C4    1 
ATOM   185 P  P     . DC  B 1 5 ? -8.105  -1.158  -3.944  1.00 46.46 ? 11 DC  B P     1 
ATOM   186 O  OP1   . DC  B 1 5 ? -8.241  -1.625  -5.335  1.00 48.27 ? 11 DC  B OP1   1 
ATOM   187 O  OP2   . DC  B 1 5 ? -9.069  -0.312  -3.208  1.00 45.98 ? 11 DC  B OP2   1 
ATOM   188 O  "O5'" . DC  B 1 5 ? -7.795  -2.464  -3.079  1.00 42.68 ? 11 DC  B "O5'" 1 
ATOM   189 C  "C5'" . DC  B 1 5 ? -6.949  -3.455  -3.614  1.00 36.79 ? 11 DC  B "C5'" 1 
ATOM   190 C  "C4'" . DC  B 1 5 ? -6.766  -4.529  -2.547  1.00 36.94 ? 11 DC  B "C4'" 1 
ATOM   191 O  "O4'" . DC  B 1 5 ? -6.012  -4.002  -1.423  1.00 33.21 ? 11 DC  B "O4'" 1 
ATOM   192 C  "C3'" . DC  B 1 5 ? -8.071  -5.040  -1.919  1.00 32.00 ? 11 DC  B "C3'" 1 
ATOM   193 O  "O3'" . DC  B 1 5 ? -7.987  -6.436  -1.930  1.00 32.65 ? 11 DC  B "O3'" 1 
ATOM   194 C  "C2'" . DC  B 1 5 ? -8.002  -4.468  -0.462  1.00 29.74 ? 11 DC  B "C2'" 1 
ATOM   195 C  "C1'" . DC  B 1 5 ? -6.495  -4.590  -0.236  1.00 32.46 ? 11 DC  B "C1'" 1 
ATOM   196 N  N1    . DC  B 1 5 ? -5.868  -3.841  0.949   1.00 32.13 ? 11 DC  B N1    1 
ATOM   197 C  C2    . DC  B 1 5 ? -4.767  -4.378  1.617   1.00 33.31 ? 11 DC  B C2    1 
ATOM   198 O  O2    . DC  B 1 5 ? -4.301  -5.466  1.263   1.00 31.78 ? 11 DC  B O2    1 
ATOM   199 N  N3    . DC  B 1 5 ? -4.206  -3.661  2.649   1.00 30.25 ? 11 DC  B N3    1 
ATOM   200 C  C4    . DC  B 1 5 ? -4.711  -2.497  3.019   1.00 30.43 ? 11 DC  B C4    1 
ATOM   201 N  N4    . DC  B 1 5 ? -4.145  -1.909  4.069   1.00 31.37 ? 11 DC  B N4    1 
ATOM   202 C  C5    . DC  B 1 5 ? -5.825  -1.892  2.360   1.00 32.10 ? 11 DC  B C5    1 
ATOM   203 C  C6    . DC  B 1 5 ? -6.365  -2.618  1.349   1.00 35.08 ? 11 DC  B C6    1 
ATOM   204 P  P     . DG  B 1 6 ? -9.296  -7.371  -1.927  1.00 37.23 ? 12 DG  B P     1 
ATOM   205 O  OP1   . DG  B 1 6 ? -8.895  -8.716  -2.385  1.00 38.79 ? 12 DG  B OP1   1 
ATOM   206 O  OP2   . DG  B 1 6 ? -10.457 -6.558  -2.404  1.00 35.24 ? 12 DG  B OP2   1 
ATOM   207 O  "O5'" . DG  B 1 6 ? -9.502  -7.529  -0.316  1.00 35.73 ? 12 DG  B "O5'" 1 
ATOM   208 C  "C5'" . DG  B 1 6 ? -8.509  -8.092  0.605   1.00 33.77 ? 12 DG  B "C5'" 1 
ATOM   209 C  "C4'" . DG  B 1 6 ? -9.150  -8.376  1.967   1.00 33.16 ? 12 DG  B "C4'" 1 
ATOM   210 O  "O4'" . DG  B 1 6 ? -9.701  -7.159  2.565   1.00 33.09 ? 12 DG  B "O4'" 1 
ATOM   211 C  "C3'" . DG  B 1 6 ? -10.331 -9.373  1.926   1.00 32.59 ? 12 DG  B "C3'" 1 
ATOM   212 O  "O3'" . DG  B 1 6 ? -9.889  -10.702 2.265   1.00 27.60 ? 12 DG  B "O3'" 1 
ATOM   213 C  "C2'" . DG  B 1 6 ? -11.290 -8.795  2.976   1.00 33.11 ? 12 DG  B "C2'" 1 
ATOM   214 C  "C1'" . DG  B 1 6 ? -11.090 -7.266  2.798   1.00 33.41 ? 12 DG  B "C1'" 1 
ATOM   215 N  N9    . DG  B 1 6 ? -11.731 -6.673  1.606   1.00 33.30 ? 12 DG  B N9    1 
ATOM   216 C  C8    . DG  B 1 6 ? -12.572 -7.305  0.718   1.00 34.55 ? 12 DG  B C8    1 
ATOM   217 N  N7    . DG  B 1 6 ? -12.945 -6.544  -0.285  1.00 32.89 ? 12 DG  B N7    1 
ATOM   218 C  C5    . DG  B 1 6 ? -12.348 -5.338  -0.029  1.00 37.38 ? 12 DG  B C5    1 
ATOM   219 C  C6    . DG  B 1 6 ? -12.385 -4.145  -0.763  1.00 40.14 ? 12 DG  B C6    1 
ATOM   220 O  O6    . DG  B 1 6 ? -12.991 -3.906  -1.817  1.00 36.51 ? 12 DG  B O6    1 
ATOM   221 N  N1    . DG  B 1 6 ? -11.591 -3.174  -0.171  1.00 38.35 ? 12 DG  B N1    1 
ATOM   222 C  C2    . DG  B 1 6 ? -10.854 -3.306  0.971   1.00 38.40 ? 12 DG  B C2    1 
ATOM   223 N  N2    . DG  B 1 6 ? -10.193 -2.205  1.393   1.00 34.85 ? 12 DG  B N2    1 
ATOM   224 N  N3    . DG  B 1 6 ? -10.817 -4.409  1.677   1.00 35.76 ? 12 DG  B N3    1 
ATOM   225 C  C4    . DG  B 1 6 ? -11.585 -5.387  1.125   1.00 33.88 ? 12 DG  B C4    1 
HETATM 226 CO CO    . CO  C 2 . ? -0.106  -3.390  8.477   1.00 53.36 ? 33 CO  A CO    1 
HETATM 227 CO CO    . CO  D 2 . ? 1.615   -1.650  -10.933 0.25 40.37 ? 35 CO  A CO    1 
HETATM 228 O  O19   A AN9 E 3 . ? 4.461   3.075   -4.134  0.25 38.91 ? 41 AN9 A O19   1 
HETATM 229 C  C18   A AN9 E 3 . ? 3.661   3.657   -4.854  0.25 37.86 ? 41 AN9 A C18   1 
HETATM 230 C  C20   A AN9 E 3 . ? 3.478   3.308   -6.289  0.25 38.62 ? 41 AN9 A C20   1 
HETATM 231 N  N17   A AN9 E 3 . ? 2.858   4.638   -4.456  0.25 37.69 ? 41 AN9 A N17   1 
HETATM 232 C  C14   A AN9 E 3 . ? 3.255   5.767   -3.820  0.25 36.35 ? 41 AN9 A C14   1 
HETATM 233 C  C13   A AN9 E 3 . ? 4.301   5.758   -2.901  0.25 36.14 ? 41 AN9 A C13   1 
HETATM 234 C  C12   A AN9 E 3 . ? 4.694   6.920   -2.231  0.25 35.53 ? 41 AN9 A C12   1 
HETATM 235 C  C3    A AN9 E 3 . ? 2.541   7.049   -4.077  0.25 36.33 ? 41 AN9 A C3    1 
HETATM 236 C  C2    A AN9 E 3 . ? 2.998   8.254   -3.335  0.25 35.51 ? 41 AN9 A C2    1 
HETATM 237 C  C37   A AN9 E 3 . ? 4.057   8.141   -2.437  0.25 35.34 ? 41 AN9 A C37   1 
HETATM 238 C  C1    A AN9 E 3 . ? 2.326   9.562   -3.548  0.25 36.66 ? 41 AN9 A C1    1 
HETATM 239 O  O15   A AN9 E 3 . ? 2.719   10.579  -2.932  0.25 37.41 ? 41 AN9 A O15   1 
HETATM 240 C  C6    A AN9 E 3 . ? 1.193   9.649   -4.515  0.25 36.44 ? 41 AN9 A C6    1 
HETATM 241 C  C11   A AN9 E 3 . ? 0.733   8.443   -5.254  0.25 36.98 ? 41 AN9 A C11   1 
HETATM 242 C  C10   A AN9 E 3 . ? -0.336  8.544   -6.150  0.25 37.25 ? 41 AN9 A C10   1 
HETATM 243 C  C4    A AN9 E 3 . ? 1.406   7.141   -5.039  0.25 35.46 ? 41 AN9 A C4    1 
HETATM 244 O  O16   A AN9 E 3 . ? 1.004   6.135   -5.664  0.25 37.32 ? 41 AN9 A O16   1 
HETATM 245 C  C7    A AN9 E 3 . ? 0.483   10.925  -4.774  0.25 37.10 ? 41 AN9 A C7    1 
HETATM 246 N  N27   A AN9 E 3 . ? 0.846   12.069  -4.146  0.25 36.69 ? 41 AN9 A N27   1 
HETATM 247 C  C8    A AN9 E 3 . ? -0.569  10.925  -5.690  0.25 38.42 ? 41 AN9 A C8    1 
HETATM 248 C  C9    A AN9 E 3 . ? -0.970  9.768   -6.362  0.25 37.48 ? 41 AN9 A C9    1 
HETATM 249 CO CO    . CO  F 2 . ? -14.281 -7.470  -1.816  0.50 35.89 ? 32 CO  B CO    1 
HETATM 250 BA BA    . BA  G 4 . ? -13.751 -4.206  -4.335  0.25 37.69 ? 34 BA  B BA    1 
HETATM 251 NA NA    . NA  H 5 . ? 7.171   9.652   3.472   0.25 72.45 ? 36 NA  B NA    1 
HETATM 252 O  O19   B AN9 I 3 . ? 6.814   7.755   0.934   0.25 35.11 ? 42 AN9 B O19   1 
HETATM 253 C  C18   B AN9 I 3 . ? 5.923   8.515   0.568   0.25 33.92 ? 42 AN9 B C18   1 
HETATM 254 C  C20   B AN9 I 3 . ? 5.290   9.479   1.515   0.25 33.82 ? 42 AN9 B C20   1 
HETATM 255 N  N17   B AN9 I 3 . ? 5.453   8.587   -0.680  0.25 32.08 ? 42 AN9 B N17   1 
HETATM 256 C  C14   B AN9 I 3 . ? 5.085   7.542   -1.472  0.25 29.79 ? 42 AN9 B C14   1 
HETATM 257 C  C13   B AN9 I 3 . ? 5.677   6.278   -1.408  0.25 30.15 ? 42 AN9 B C13   1 
HETATM 258 C  C12   B AN9 I 3 . ? 5.277   5.237   -2.262  0.25 30.68 ? 42 AN9 B C12   1 
HETATM 259 C  C3    B AN9 I 3 . ? 4.012   7.758   -2.479  0.25 28.62 ? 42 AN9 B C3    1 
HETATM 260 C  C2    B AN9 I 3 . ? 3.613   6.626   -3.358  0.25 28.38 ? 42 AN9 B C2    1 
HETATM 261 C  C37   B AN9 I 3 . ? 4.267   5.402   -3.218  0.25 28.49 ? 42 AN9 B C37   1 
HETATM 262 C  C1    B AN9 I 3 . ? 2.533   6.820   -4.370  0.25 27.76 ? 42 AN9 B C1    1 
HETATM 263 O  O15   B AN9 I 3 . ? 2.198   5.884   -5.122  0.25 27.72 ? 42 AN9 B O15   1 
HETATM 264 C  C6    B AN9 I 3 . ? 1.868   8.145   -4.489  0.25 26.46 ? 42 AN9 B C6    1 
HETATM 265 C  C11   B AN9 I 3 . ? 2.262   9.268   -3.599  0.25 27.37 ? 42 AN9 B C11   1 
HETATM 266 C  C10   B AN9 I 3 . ? 1.631   10.508  -3.727  0.25 26.07 ? 42 AN9 B C10   1 
HETATM 267 C  C4    B AN9 I 3 . ? 3.337   9.078   -2.599  0.25 28.23 ? 42 AN9 B C4    1 
HETATM 268 O  O16   B AN9 I 3 . ? 3.673   10.035  -1.871  0.25 30.70 ? 42 AN9 B O16   1 
HETATM 269 C  C7    B AN9 I 3 . ? 0.784   8.397   -5.464  0.25 27.00 ? 42 AN9 B C7    1 
HETATM 270 N  N27   B AN9 I 3 . ? 0.360   7.411   -6.292  0.25 25.60 ? 42 AN9 B N27   1 
HETATM 271 C  C8    B AN9 I 3 . ? 0.204   9.669   -5.515  0.25 25.31 ? 42 AN9 B C8    1 
HETATM 272 C  C9    B AN9 I 3 . ? 0.620   10.692  -4.664  0.25 25.55 ? 42 AN9 B C9    1 
HETATM 273 O  O     . HOH J 6 . ? -2.120  -6.880  8.855   1.00 42.46 ? 42 HOH A O     1 
HETATM 274 O  O     . HOH J 6 . ? -0.496  -4.973  9.914   1.00 51.96 ? 43 HOH A O     1 
HETATM 275 O  O     A HOH J 6 . ? 3.750   1.287   -12.565 0.50 33.69 ? 44 HOH A O     1 
HETATM 276 O  O     B HOH J 6 . ? 5.245   0.635   -13.006 0.50 37.83 ? 44 HOH A O     1 
HETATM 277 O  O     . HOH J 6 . ? 8.015   -2.813  1.170   1.00 55.33 ? 45 HOH A O     1 
HETATM 278 O  O     . HOH J 6 . ? 11.118  -1.126  -8.903  0.50 34.70 ? 46 HOH A O     1 
HETATM 279 O  O     . HOH J 6 . ? 6.532   -6.200  -0.605  1.00 47.60 ? 47 HOH A O     1 
HETATM 280 O  O     . HOH J 6 . ? 2.000   -3.907  8.915   1.00 51.86 ? 48 HOH A O     1 
HETATM 281 O  O     . HOH J 6 . ? -2.133  -2.689  8.070   1.00 49.68 ? 49 HOH A O     1 
HETATM 282 O  O     . HOH J 6 . ? 8.059   -5.309  -11.194 1.00 51.05 ? 50 HOH A O     1 
HETATM 283 O  O     . HOH J 6 . ? -0.134  -1.622  9.811   1.00 53.59 ? 51 HOH A O     1 
HETATM 284 O  O     . HOH J 6 . ? 0.442   -1.874  6.984   1.00 52.36 ? 52 HOH A O     1 
HETATM 285 O  O     . HOH J 6 . ? 2.515   -1.098  -12.562 0.25 39.12 ? 53 HOH A O     1 
HETATM 286 O  O     . HOH K 6 . ? -9.130  -11.070 4.779   1.00 35.03 ? 43 HOH B O     1 
HETATM 287 O  O     . HOH K 6 . ? -4.548  0.427   -6.384  1.00 44.73 ? 44 HOH B O     1 
HETATM 288 O  O     . HOH K 6 . ? -11.835 -11.095 5.898   1.00 35.71 ? 45 HOH B O     1 
HETATM 289 O  O     . HOH K 6 . ? -15.369 -8.203  -0.213  1.00 37.71 ? 46 HOH B O     1 
HETATM 290 O  O     . HOH K 6 . ? -13.263 -11.192 3.357   1.00 51.02 ? 47 HOH B O     1 
HETATM 291 O  O     . HOH K 6 . ? -13.504 -10.729 0.930   1.00 47.44 ? 48 HOH B O     1 
HETATM 292 O  O     . HOH K 6 . ? -15.502 -5.879  -2.078  1.00 37.95 ? 49 HOH B O     1 
HETATM 293 O  O     . HOH K 6 . ? -2.399  4.173   4.775   1.00 47.17 ? 50 HOH B O     1 
HETATM 294 O  O     . HOH K 6 . ? -3.288  7.453   7.425   1.00 61.26 ? 51 HOH B O     1 
HETATM 295 O  O     . HOH K 6 . ? -9.301  -0.369  -0.384  1.00 60.44 ? 52 HOH B O     1 
HETATM 296 O  O     . HOH K 6 . ? 5.314   2.994   6.117   1.00 53.93 ? 53 HOH B O     1 
HETATM 297 O  O     . HOH K 6 . ? 5.968   3.776   4.198   1.00 46.99 ? 54 HOH B O     1 
HETATM 298 O  O     . HOH K 6 . ? -16.018 -3.796  -0.187  1.00 43.52 ? 55 HOH B O     1 
HETATM 299 O  O     . HOH K 6 . ? -7.154  -8.547  -4.650  1.00 26.63 ? 56 HOH B O     1 
HETATM 300 O  O     . HOH K 6 . ? -11.890 -2.098  -4.642  1.00 62.18 ? 57 HOH B O     1 
# 
